data_1AGK
# 
_entry.id   1AGK 
# 
_audit_conform.dict_name       mmcif_pdbx.dic 
_audit_conform.dict_version    5.392 
_audit_conform.dict_location   http://mmcif.pdb.org/dictionaries/ascii/mmcif_pdbx.dic 
# 
loop_
_database_2.database_id 
_database_2.database_code 
_database_2.pdbx_database_accession 
_database_2.pdbx_DOI 
PDB   1AGK         pdb_00001agk 10.2210/pdb1agk/pdb 
WWPDB D_1000170789 ?            ?                   
# 
loop_
_pdbx_audit_revision_history.ordinal 
_pdbx_audit_revision_history.data_content_type 
_pdbx_audit_revision_history.major_revision 
_pdbx_audit_revision_history.minor_revision 
_pdbx_audit_revision_history.revision_date 
1 'Structure model' 1 0 1997-08-20 
2 'Structure model' 1 1 2008-03-24 
3 'Structure model' 1 2 2011-07-13 
4 'Structure model' 2 0 2022-02-16 
5 'Structure model' 2 1 2024-05-22 
# 
_pdbx_audit_revision_details.ordinal             1 
_pdbx_audit_revision_details.revision_ordinal    1 
_pdbx_audit_revision_details.data_content_type   'Structure model' 
_pdbx_audit_revision_details.provider            repository 
_pdbx_audit_revision_details.type                'Initial release' 
_pdbx_audit_revision_details.description         ? 
_pdbx_audit_revision_details.details             ? 
# 
loop_
_pdbx_audit_revision_group.ordinal 
_pdbx_audit_revision_group.revision_ordinal 
_pdbx_audit_revision_group.data_content_type 
_pdbx_audit_revision_group.group 
1 2 'Structure model' 'Version format compliance' 
2 3 'Structure model' 'Version format compliance' 
3 4 'Structure model' 'Data collection'           
4 4 'Structure model' 'Database references'       
5 4 'Structure model' 'Derived calculations'      
6 4 'Structure model' Other                       
7 4 'Structure model' 'Polymer sequence'          
8 5 'Structure model' 'Data collection'           
# 
loop_
_pdbx_audit_revision_category.ordinal 
_pdbx_audit_revision_category.revision_ordinal 
_pdbx_audit_revision_category.data_content_type 
_pdbx_audit_revision_category.category 
1 4 'Structure model' database_2            
2 4 'Structure model' entity_poly           
3 4 'Structure model' pdbx_database_status  
4 4 'Structure model' pdbx_nmr_software     
5 4 'Structure model' pdbx_struct_assembly  
6 4 'Structure model' pdbx_struct_oper_list 
7 4 'Structure model' struct_conn           
8 5 'Structure model' chem_comp_atom        
9 5 'Structure model' chem_comp_bond        
# 
loop_
_pdbx_audit_revision_item.ordinal 
_pdbx_audit_revision_item.revision_ordinal 
_pdbx_audit_revision_item.data_content_type 
_pdbx_audit_revision_item.item 
1  4 'Structure model' '_database_2.pdbx_DOI'                      
2  4 'Structure model' '_database_2.pdbx_database_accession'       
3  4 'Structure model' '_entity_poly.pdbx_seq_one_letter_code'     
4  4 'Structure model' '_entity_poly.pdbx_seq_one_letter_code_can' 
5  4 'Structure model' '_pdbx_database_status.process_site'        
6  4 'Structure model' '_pdbx_nmr_software.name'                   
7  4 'Structure model' '_struct_conn.pdbx_leaving_atom_flag'       
8  4 'Structure model' '_struct_conn.ptnr1_auth_comp_id'           
9  4 'Structure model' '_struct_conn.ptnr1_auth_seq_id'            
10 4 'Structure model' '_struct_conn.ptnr1_label_atom_id'          
11 4 'Structure model' '_struct_conn.ptnr1_label_comp_id'          
12 4 'Structure model' '_struct_conn.ptnr1_label_seq_id'           
13 4 'Structure model' '_struct_conn.ptnr2_auth_comp_id'           
14 4 'Structure model' '_struct_conn.ptnr2_auth_seq_id'            
15 4 'Structure model' '_struct_conn.ptnr2_label_atom_id'          
16 4 'Structure model' '_struct_conn.ptnr2_label_comp_id'          
17 4 'Structure model' '_struct_conn.ptnr2_label_seq_id'           
# 
_pdbx_database_status.status_code                     REL 
_pdbx_database_status.entry_id                        1AGK 
_pdbx_database_status.recvd_initial_deposition_date   1997-03-25 
_pdbx_database_status.deposit_site                    ? 
_pdbx_database_status.process_site                    BNL 
_pdbx_database_status.SG_entry                        . 
_pdbx_database_status.pdb_format_compatible           Y 
_pdbx_database_status.status_code_mr                  ? 
_pdbx_database_status.status_code_sf                  ? 
_pdbx_database_status.status_code_cs                  ? 
_pdbx_database_status.status_code_nmr_data            ? 
_pdbx_database_status.methods_development_category    ? 
# 
loop_
_pdbx_database_related.db_name 
_pdbx_database_related.db_id 
_pdbx_database_related.details 
_pdbx_database_related.content_type 
PDB 1AGZ 'MINIMIZED AVERAGE STRUCTURE' unspecified 
PDB 1AGO 'MINIMIZED AVERAGE STRUCTURE' unspecified 
# 
loop_
_audit_author.name 
_audit_author.pdbx_ordinal 
'Feng, B.'    1 
'Stone, M.P.' 2 
# 
loop_
_citation.id 
_citation.title 
_citation.journal_abbrev 
_citation.journal_volume 
_citation.page_first 
_citation.page_last 
_citation.year 
_citation.journal_id_ASTM 
_citation.country 
_citation.journal_id_ISSN 
_citation.journal_id_CSD 
_citation.book_publisher 
_citation.pdbx_database_id_PubMed 
_citation.pdbx_database_id_DOI 
primary 
;Major groove (R)-alpha-(N6-adenyl)styrene oxide adducts in an oligodeoxynucleotide containing the human N-ras codon 61 sequence: conformations of the R(61,2) and R(61,3) sequence isomers from 1H NMR.
;
Biochemistry      34 14021 14036 1995 BICHAW US 0006-2960 0033 ? 7578000 10.1021/bi00043a008 
1       
;Solution Structure of an Oligodeoxynucleotide Containing the Human N-Ras Codon 61 Sequence Refined from 1H NMR Using Molecular Dynamics Restrained by Nuclear Overhauser Effects
;
Chem.Res.Toxicol. 8  821   ?     1995 CRTOEC US 0893-228X 2140 ? ?       ?                   
# 
loop_
_citation_author.citation_id 
_citation_author.name 
_citation_author.ordinal 
_citation_author.identifier_ORCID 
primary 'Feng, B.'       1 ? 
primary 'Zhou, L.'       2 ? 
primary 'Passarelli, M.' 3 ? 
primary 'Harris, C.M.'   4 ? 
primary 'Harris, T.M.'   5 ? 
primary 'Stone, M.P.'    6 ? 
1       'Feng, B.'       7 ? 
1       'Stone, M.P.'    8 ? 
# 
loop_
_entity.id 
_entity.type 
_entity.src_method 
_entity.pdbx_description 
_entity.formula_weight 
_entity.pdbx_number_of_molecules 
_entity.pdbx_ec 
_entity.pdbx_mutation 
_entity.pdbx_fragment 
_entity.details 
1 polymer syn 
;DNA (5'-D(*CP*GP*GP*AP*CP*RP*AP*GP*AP*AP*G)-3')
;
3536.411 1 ? ? ? '(R)-(N6-ADENYL)-STYRENE OXIDE-RAS61-2 DNA ADDUCT' 
2 polymer syn 
;DNA (5'-D(*CP*TP*TP*CP*TP*TP*GP*TP*CP*CP*G)-3')
;
3291.145 1 ? ? ? '(R)-(N6-ADENYL)-STYRENE OXIDE-RAS61-2 DNA ADDUCT' 
# 
loop_
_entity_poly.entity_id 
_entity_poly.type 
_entity_poly.nstd_linkage 
_entity_poly.nstd_monomer 
_entity_poly.pdbx_seq_one_letter_code 
_entity_poly.pdbx_seq_one_letter_code_can 
_entity_poly.pdbx_strand_id 
_entity_poly.pdbx_target_identifier 
1 polydeoxyribonucleotide no yes '(DC)(DG)(DG)(DA)(DC)(R)(DA)(DG)(DA)(DA)(DG)'  CGGACAAGAAG A ? 
2 polydeoxyribonucleotide no no  '(DC)(DT)(DT)(DC)(DT)(DT)(DG)(DT)(DC)(DC)(DG)' CTTCTTGTCCG B ? 
# 
loop_
_entity_poly_seq.entity_id 
_entity_poly_seq.num 
_entity_poly_seq.mon_id 
_entity_poly_seq.hetero 
1 1  DC n 
1 2  DG n 
1 3  DG n 
1 4  DA n 
1 5  DC n 
1 6  R  n 
1 7  DA n 
1 8  DG n 
1 9  DA n 
1 10 DA n 
1 11 DG n 
2 1  DC n 
2 2  DT n 
2 3  DT n 
2 4  DC n 
2 5  DT n 
2 6  DT n 
2 7  DG n 
2 8  DT n 
2 9  DC n 
2 10 DC n 
2 11 DG n 
# 
loop_
_chem_comp.id 
_chem_comp.type 
_chem_comp.mon_nstd_flag 
_chem_comp.name 
_chem_comp.pdbx_synonyms 
_chem_comp.formula 
_chem_comp.formula_weight 
DA 'DNA linking' y "2'-DEOXYADENOSINE-5'-MONOPHOSPHATE"                   ? 'C10 H14 N5 O6 P' 331.222 
DC 'DNA linking' y "2'-DEOXYCYTIDINE-5'-MONOPHOSPHATE"                    ? 'C9 H14 N3 O7 P'  307.197 
DG 'DNA linking' y "2'-DEOXYGUANOSINE-5'-MONOPHOSPHATE"                   ? 'C10 H14 N5 O7 P' 347.221 
DT 'DNA linking' y "THYMIDINE-5'-MONOPHOSPHATE"                           ? 'C10 H15 N2 O8 P' 322.208 
R  'DNA linking' n 
;2'-DEOXY-N6-(R)STYRENE OXIDE ADENOSINE MONOPHOSPHATE
;
? 'C18 H22 N5 O7 P' 451.370 
# 
loop_
_pdbx_poly_seq_scheme.asym_id 
_pdbx_poly_seq_scheme.entity_id 
_pdbx_poly_seq_scheme.seq_id 
_pdbx_poly_seq_scheme.mon_id 
_pdbx_poly_seq_scheme.ndb_seq_num 
_pdbx_poly_seq_scheme.pdb_seq_num 
_pdbx_poly_seq_scheme.auth_seq_num 
_pdbx_poly_seq_scheme.pdb_mon_id 
_pdbx_poly_seq_scheme.auth_mon_id 
_pdbx_poly_seq_scheme.pdb_strand_id 
_pdbx_poly_seq_scheme.pdb_ins_code 
_pdbx_poly_seq_scheme.hetero 
A 1 1  DC 1  1  1  DC C A . n 
A 1 2  DG 2  2  2  DG G A . n 
A 1 3  DG 3  3  3  DG G A . n 
A 1 4  DA 4  4  4  DA A A . n 
A 1 5  DC 5  5  5  DC C A . n 
A 1 6  R  6  6  6  R  R A . n 
A 1 7  DA 7  7  7  DA A A . n 
A 1 8  DG 8  8  8  DG G A . n 
A 1 9  DA 9  9  9  DA A A . n 
A 1 10 DA 10 10 10 DA A A . n 
A 1 11 DG 11 11 11 DG G A . n 
B 2 1  DC 1  12 12 DC C B . n 
B 2 2  DT 2  13 13 DT T B . n 
B 2 3  DT 3  14 14 DT T B . n 
B 2 4  DC 4  15 15 DC C B . n 
B 2 5  DT 5  16 16 DT T B . n 
B 2 6  DT 6  17 17 DT T B . n 
B 2 7  DG 7  18 18 DG G B . n 
B 2 8  DT 8  19 19 DT T B . n 
B 2 9  DC 9  20 20 DC C B . n 
B 2 10 DC 10 21 21 DC C B . n 
B 2 11 DG 11 22 22 DG G B . n 
# 
loop_
_software.name 
_software.classification 
_software.version 
_software.citation_id 
_software.pdbx_ordinal 
X-PLOR 'model building' 3.1 ? 1 
X-PLOR refinement       3.1 ? 2 
X-PLOR phasing          3.1 ? 3 
# 
_cell.entry_id           1AGK 
_cell.length_a           1.000 
_cell.length_b           1.000 
_cell.length_c           1.000 
_cell.angle_alpha        90.00 
_cell.angle_beta         90.00 
_cell.angle_gamma        90.00 
_cell.Z_PDB              1 
_cell.pdbx_unique_axis   ? 
# 
_symmetry.entry_id                         1AGK 
_symmetry.space_group_name_H-M             'P 1' 
_symmetry.pdbx_full_space_group_name_H-M   ? 
_symmetry.cell_setting                     ? 
_symmetry.Int_Tables_number                1 
# 
_exptl.entry_id          1AGK 
_exptl.method            'SOLUTION NMR' 
_exptl.crystals_number   ? 
# 
_struct.entry_id                  1AGK 
_struct.title                     
;THE SOLUTION NMR STRUCTURE OF AN (R)-A-(N6-ADENYL)-STYRENE OXIDE-RAS61 OLIGODEOXYNUCLEOTIDE MODIFIED AT THE SECOND POSITION OF THE CODON 61 REGION, MINIMIZED AVERAGE STRUCTURE
;
_struct.pdbx_model_details        ? 
_struct.pdbx_CASP_flag            ? 
_struct.pdbx_model_type_details   ? 
# 
_struct_keywords.entry_id        1AGK 
_struct_keywords.pdbx_keywords   DNA 
_struct_keywords.text            
;DNA DUPLEX, B-DNA, HUMAN N-RAS GENE, CODON 61 SEQUENCE, R-STYRENE OXIDE ADDUCT, N6-ADENINE, MAJOR GROOVE, DEOXYRIBONUCLEIC ACID, DNA
;
# 
loop_
_struct_asym.id 
_struct_asym.pdbx_blank_PDB_chainid_flag 
_struct_asym.pdbx_modified 
_struct_asym.entity_id 
_struct_asym.details 
A N N 1 ? 
B N N 2 ? 
# 
loop_
_struct_ref.id 
_struct_ref.entity_id 
_struct_ref.db_name 
_struct_ref.db_code 
_struct_ref.pdbx_db_accession 
_struct_ref.pdbx_db_isoform 
_struct_ref.pdbx_seq_one_letter_code 
_struct_ref.pdbx_align_begin 
1 1 PDB 1AGK 1AGK ? ? ? 
2 2 PDB 1AGK 1AGK ? ? ? 
# 
loop_
_struct_ref_seq.align_id 
_struct_ref_seq.ref_id 
_struct_ref_seq.pdbx_PDB_id_code 
_struct_ref_seq.pdbx_strand_id 
_struct_ref_seq.seq_align_beg 
_struct_ref_seq.pdbx_seq_align_beg_ins_code 
_struct_ref_seq.seq_align_end 
_struct_ref_seq.pdbx_seq_align_end_ins_code 
_struct_ref_seq.pdbx_db_accession 
_struct_ref_seq.db_align_beg 
_struct_ref_seq.pdbx_db_align_beg_ins_code 
_struct_ref_seq.db_align_end 
_struct_ref_seq.pdbx_db_align_end_ins_code 
_struct_ref_seq.pdbx_auth_seq_align_beg 
_struct_ref_seq.pdbx_auth_seq_align_end 
1 1 1AGK A 1 ? 11 ? 1AGK 1  ? 11 ? 1  11 
2 2 1AGK B 1 ? 11 ? 1AGK 12 ? 22 ? 12 22 
# 
_pdbx_struct_assembly.id                   1 
_pdbx_struct_assembly.details              author_defined_assembly 
_pdbx_struct_assembly.method_details       ? 
_pdbx_struct_assembly.oligomeric_details   dimeric 
_pdbx_struct_assembly.oligomeric_count     2 
# 
_pdbx_struct_assembly_gen.assembly_id       1 
_pdbx_struct_assembly_gen.oper_expression   1 
_pdbx_struct_assembly_gen.asym_id_list      A,B 
# 
_pdbx_struct_oper_list.id                   1 
_pdbx_struct_oper_list.type                 'identity operation' 
_pdbx_struct_oper_list.name                 1_555 
_pdbx_struct_oper_list.symmetry_operation   x,y,z 
_pdbx_struct_oper_list.matrix[1][1]         1.0000000000 
_pdbx_struct_oper_list.matrix[1][2]         0.0000000000 
_pdbx_struct_oper_list.matrix[1][3]         0.0000000000 
_pdbx_struct_oper_list.vector[1]            0.0000000000 
_pdbx_struct_oper_list.matrix[2][1]         0.0000000000 
_pdbx_struct_oper_list.matrix[2][2]         1.0000000000 
_pdbx_struct_oper_list.matrix[2][3]         0.0000000000 
_pdbx_struct_oper_list.vector[2]            0.0000000000 
_pdbx_struct_oper_list.matrix[3][1]         0.0000000000 
_pdbx_struct_oper_list.matrix[3][2]         0.0000000000 
_pdbx_struct_oper_list.matrix[3][3]         1.0000000000 
_pdbx_struct_oper_list.vector[3]            0.0000000000 
# 
_struct_biol.id   1 
# 
loop_
_struct_conn.id 
_struct_conn.conn_type_id 
_struct_conn.pdbx_leaving_atom_flag 
_struct_conn.pdbx_PDB_id 
_struct_conn.ptnr1_label_asym_id 
_struct_conn.ptnr1_label_comp_id 
_struct_conn.ptnr1_label_seq_id 
_struct_conn.ptnr1_label_atom_id 
_struct_conn.pdbx_ptnr1_label_alt_id 
_struct_conn.pdbx_ptnr1_PDB_ins_code 
_struct_conn.pdbx_ptnr1_standard_comp_id 
_struct_conn.ptnr1_symmetry 
_struct_conn.ptnr2_label_asym_id 
_struct_conn.ptnr2_label_comp_id 
_struct_conn.ptnr2_label_seq_id 
_struct_conn.ptnr2_label_atom_id 
_struct_conn.pdbx_ptnr2_label_alt_id 
_struct_conn.pdbx_ptnr2_PDB_ins_code 
_struct_conn.ptnr1_auth_asym_id 
_struct_conn.ptnr1_auth_comp_id 
_struct_conn.ptnr1_auth_seq_id 
_struct_conn.ptnr2_auth_asym_id 
_struct_conn.ptnr2_auth_comp_id 
_struct_conn.ptnr2_auth_seq_id 
_struct_conn.ptnr2_symmetry 
_struct_conn.pdbx_ptnr3_label_atom_id 
_struct_conn.pdbx_ptnr3_label_seq_id 
_struct_conn.pdbx_ptnr3_label_comp_id 
_struct_conn.pdbx_ptnr3_label_asym_id 
_struct_conn.pdbx_ptnr3_label_alt_id 
_struct_conn.pdbx_ptnr3_PDB_ins_code 
_struct_conn.details 
_struct_conn.pdbx_dist_value 
_struct_conn.pdbx_value_order 
_struct_conn.pdbx_role 
covale1  covale both ? A DC 5  "O3'" ? ? ? 1_555 A R  6  P  ? ? A DC 5  A R  6  1_555 ? ? ? ? ? ? ?            1.604 ? ? 
covale2  covale both ? A R  6  "O3'" ? ? ? 1_555 A DA 7  P  ? ? A R  6  A DA 7  1_555 ? ? ? ? ? ? ?            1.619 ? ? 
hydrog1  hydrog ?    ? A DC 1  N3    ? ? ? 1_555 B DG 11 N1 ? ? A DC 1  B DG 22 1_555 ? ? ? ? ? ? WATSON-CRICK ?     ? ? 
hydrog2  hydrog ?    ? A DC 1  N4    ? ? ? 1_555 B DG 11 O6 ? ? A DC 1  B DG 22 1_555 ? ? ? ? ? ? WATSON-CRICK ?     ? ? 
hydrog3  hydrog ?    ? A DC 1  O2    ? ? ? 1_555 B DG 11 N2 ? ? A DC 1  B DG 22 1_555 ? ? ? ? ? ? WATSON-CRICK ?     ? ? 
hydrog4  hydrog ?    ? A DG 2  N1    ? ? ? 1_555 B DC 10 N3 ? ? A DG 2  B DC 21 1_555 ? ? ? ? ? ? WATSON-CRICK ?     ? ? 
hydrog5  hydrog ?    ? A DG 2  N2    ? ? ? 1_555 B DC 10 O2 ? ? A DG 2  B DC 21 1_555 ? ? ? ? ? ? WATSON-CRICK ?     ? ? 
hydrog6  hydrog ?    ? A DG 2  O6    ? ? ? 1_555 B DC 10 N4 ? ? A DG 2  B DC 21 1_555 ? ? ? ? ? ? WATSON-CRICK ?     ? ? 
hydrog7  hydrog ?    ? A DG 3  N1    ? ? ? 1_555 B DC 9  N3 ? ? A DG 3  B DC 20 1_555 ? ? ? ? ? ? WATSON-CRICK ?     ? ? 
hydrog8  hydrog ?    ? A DG 3  N2    ? ? ? 1_555 B DC 9  O2 ? ? A DG 3  B DC 20 1_555 ? ? ? ? ? ? WATSON-CRICK ?     ? ? 
hydrog9  hydrog ?    ? A DG 3  O6    ? ? ? 1_555 B DC 9  N4 ? ? A DG 3  B DC 20 1_555 ? ? ? ? ? ? WATSON-CRICK ?     ? ? 
hydrog10 hydrog ?    ? A DA 4  N1    ? ? ? 1_555 B DT 8  N3 ? ? A DA 4  B DT 19 1_555 ? ? ? ? ? ? WATSON-CRICK ?     ? ? 
hydrog11 hydrog ?    ? A DA 4  N6    ? ? ? 1_555 B DT 8  O4 ? ? A DA 4  B DT 19 1_555 ? ? ? ? ? ? WATSON-CRICK ?     ? ? 
hydrog12 hydrog ?    ? A DC 5  N3    ? ? ? 1_555 B DG 7  N1 ? ? A DC 5  B DG 18 1_555 ? ? ? ? ? ? WATSON-CRICK ?     ? ? 
hydrog13 hydrog ?    ? A DC 5  N4    ? ? ? 1_555 B DG 7  O6 ? ? A DC 5  B DG 18 1_555 ? ? ? ? ? ? WATSON-CRICK ?     ? ? 
hydrog14 hydrog ?    ? A DC 5  O2    ? ? ? 1_555 B DG 7  N2 ? ? A DC 5  B DG 18 1_555 ? ? ? ? ? ? WATSON-CRICK ?     ? ? 
hydrog15 hydrog ?    ? A R  6  N1    ? ? ? 1_555 B DT 6  N3 ? ? A R  6  B DT 17 1_555 ? ? ? ? ? ? WATSON-CRICK ?     ? ? 
hydrog16 hydrog ?    ? A R  6  N6    ? ? ? 1_555 B DT 6  O4 ? ? A R  6  B DT 17 1_555 ? ? ? ? ? ? WATSON-CRICK ?     ? ? 
hydrog17 hydrog ?    ? A DA 7  N1    ? ? ? 1_555 B DT 5  N3 ? ? A DA 7  B DT 16 1_555 ? ? ? ? ? ? WATSON-CRICK ?     ? ? 
hydrog18 hydrog ?    ? A DA 7  N6    ? ? ? 1_555 B DT 5  O4 ? ? A DA 7  B DT 16 1_555 ? ? ? ? ? ? WATSON-CRICK ?     ? ? 
hydrog19 hydrog ?    ? A DG 8  N1    ? ? ? 1_555 B DC 4  N3 ? ? A DG 8  B DC 15 1_555 ? ? ? ? ? ? WATSON-CRICK ?     ? ? 
hydrog20 hydrog ?    ? A DG 8  N2    ? ? ? 1_555 B DC 4  O2 ? ? A DG 8  B DC 15 1_555 ? ? ? ? ? ? WATSON-CRICK ?     ? ? 
hydrog21 hydrog ?    ? A DG 8  O6    ? ? ? 1_555 B DC 4  N4 ? ? A DG 8  B DC 15 1_555 ? ? ? ? ? ? WATSON-CRICK ?     ? ? 
hydrog22 hydrog ?    ? A DA 9  N1    ? ? ? 1_555 B DT 3  N3 ? ? A DA 9  B DT 14 1_555 ? ? ? ? ? ? WATSON-CRICK ?     ? ? 
hydrog23 hydrog ?    ? A DA 9  N6    ? ? ? 1_555 B DT 3  O4 ? ? A DA 9  B DT 14 1_555 ? ? ? ? ? ? WATSON-CRICK ?     ? ? 
hydrog24 hydrog ?    ? A DA 10 N1    ? ? ? 1_555 B DT 2  N3 ? ? A DA 10 B DT 13 1_555 ? ? ? ? ? ? WATSON-CRICK ?     ? ? 
hydrog25 hydrog ?    ? A DA 10 N6    ? ? ? 1_555 B DT 2  O4 ? ? A DA 10 B DT 13 1_555 ? ? ? ? ? ? WATSON-CRICK ?     ? ? 
hydrog26 hydrog ?    ? A DG 11 N1    ? ? ? 1_555 B DC 1  N3 ? ? A DG 11 B DC 12 1_555 ? ? ? ? ? ? WATSON-CRICK ?     ? ? 
hydrog27 hydrog ?    ? A DG 11 N2    ? ? ? 1_555 B DC 1  O2 ? ? A DG 11 B DC 12 1_555 ? ? ? ? ? ? WATSON-CRICK ?     ? ? 
hydrog28 hydrog ?    ? A DG 11 O6    ? ? ? 1_555 B DC 1  N4 ? ? A DG 11 B DC 12 1_555 ? ? ? ? ? ? WATSON-CRICK ?     ? ? 
# 
loop_
_struct_conn_type.id 
_struct_conn_type.criteria 
_struct_conn_type.reference 
covale ? ? 
hydrog ? ? 
# 
_pdbx_validate_close_contact.id               1 
_pdbx_validate_close_contact.PDB_model_num    1 
_pdbx_validate_close_contact.auth_atom_id_1   HB 
_pdbx_validate_close_contact.auth_asym_id_1   A 
_pdbx_validate_close_contact.auth_comp_id_1   R 
_pdbx_validate_close_contact.auth_seq_id_1    6 
_pdbx_validate_close_contact.PDB_ins_code_1   ? 
_pdbx_validate_close_contact.label_alt_id_1   ? 
_pdbx_validate_close_contact.auth_atom_id_2   O4 
_pdbx_validate_close_contact.auth_asym_id_2   B 
_pdbx_validate_close_contact.auth_comp_id_2   DT 
_pdbx_validate_close_contact.auth_seq_id_2    16 
_pdbx_validate_close_contact.PDB_ins_code_2   ? 
_pdbx_validate_close_contact.label_alt_id_2   ? 
_pdbx_validate_close_contact.dist             1.55 
# 
loop_
_pdbx_validate_rmsd_bond.id 
_pdbx_validate_rmsd_bond.PDB_model_num 
_pdbx_validate_rmsd_bond.auth_atom_id_1 
_pdbx_validate_rmsd_bond.auth_asym_id_1 
_pdbx_validate_rmsd_bond.auth_comp_id_1 
_pdbx_validate_rmsd_bond.auth_seq_id_1 
_pdbx_validate_rmsd_bond.PDB_ins_code_1 
_pdbx_validate_rmsd_bond.label_alt_id_1 
_pdbx_validate_rmsd_bond.auth_atom_id_2 
_pdbx_validate_rmsd_bond.auth_asym_id_2 
_pdbx_validate_rmsd_bond.auth_comp_id_2 
_pdbx_validate_rmsd_bond.auth_seq_id_2 
_pdbx_validate_rmsd_bond.PDB_ins_code_2 
_pdbx_validate_rmsd_bond.label_alt_id_2 
_pdbx_validate_rmsd_bond.bond_value 
_pdbx_validate_rmsd_bond.bond_target_value 
_pdbx_validate_rmsd_bond.bond_deviation 
_pdbx_validate_rmsd_bond.bond_standard_deviation 
_pdbx_validate_rmsd_bond.linker_flag 
1 1 "O3'" A DC 1  ? ? "C3'" A DC 1  ? ? 1.529 1.435 0.094  0.013 N 
2 1 "O3'" B DC 12 ? ? "C3'" B DC 12 ? ? 1.527 1.435 0.092  0.013 N 
3 1 P     B DT 13 ? ? OP1   B DT 13 ? ? 1.589 1.485 0.104  0.017 N 
4 1 "O5'" B DT 13 ? ? "C5'" B DT 13 ? ? 1.536 1.440 0.096  0.016 N 
5 1 "O3'" B DT 13 ? ? "C3'" B DT 13 ? ? 1.289 1.419 -0.130 0.006 N 
6 1 "O3'" B DT 14 ? ? "C3'" B DT 14 ? ? 1.542 1.435 0.107  0.013 N 
7 1 P     B DC 20 ? ? "O5'" B DC 20 ? ? 1.654 1.593 0.061  0.010 N 
8 1 "C5'" B DC 20 ? ? "C4'" B DC 20 ? ? 1.556 1.512 0.044  0.007 N 
9 1 P     B DG 22 ? ? "O5'" B DG 22 ? ? 1.657 1.593 0.064  0.010 N 
# 
loop_
_pdbx_validate_rmsd_angle.id 
_pdbx_validate_rmsd_angle.PDB_model_num 
_pdbx_validate_rmsd_angle.auth_atom_id_1 
_pdbx_validate_rmsd_angle.auth_asym_id_1 
_pdbx_validate_rmsd_angle.auth_comp_id_1 
_pdbx_validate_rmsd_angle.auth_seq_id_1 
_pdbx_validate_rmsd_angle.PDB_ins_code_1 
_pdbx_validate_rmsd_angle.label_alt_id_1 
_pdbx_validate_rmsd_angle.auth_atom_id_2 
_pdbx_validate_rmsd_angle.auth_asym_id_2 
_pdbx_validate_rmsd_angle.auth_comp_id_2 
_pdbx_validate_rmsd_angle.auth_seq_id_2 
_pdbx_validate_rmsd_angle.PDB_ins_code_2 
_pdbx_validate_rmsd_angle.label_alt_id_2 
_pdbx_validate_rmsd_angle.auth_atom_id_3 
_pdbx_validate_rmsd_angle.auth_asym_id_3 
_pdbx_validate_rmsd_angle.auth_comp_id_3 
_pdbx_validate_rmsd_angle.auth_seq_id_3 
_pdbx_validate_rmsd_angle.PDB_ins_code_3 
_pdbx_validate_rmsd_angle.label_alt_id_3 
_pdbx_validate_rmsd_angle.angle_value 
_pdbx_validate_rmsd_angle.angle_target_value 
_pdbx_validate_rmsd_angle.angle_deviation 
_pdbx_validate_rmsd_angle.angle_standard_deviation 
_pdbx_validate_rmsd_angle.linker_flag 
1  1 "O4'" A DC 1  ? ? "C1'" A DC 1  ? ? N1    A DC 1  ? ? 112.53 108.30 4.23   0.30 N 
2  1 "C3'" A DC 1  ? ? "O3'" A DC 1  ? ? P     A DG 2  ? ? 107.12 119.70 -12.58 1.20 Y 
3  1 "O3'" A DC 1  ? ? P     A DG 2  ? ? "O5'" A DG 2  ? ? 73.12  104.00 -30.88 1.90 Y 
4  1 "O3'" A DC 1  ? ? P     A DG 2  ? ? OP1   A DG 2  ? ? 131.32 110.50 20.82  1.10 Y 
5  1 "O5'" A DG 2  ? ? P     A DG 2  ? ? OP1   A DG 2  ? ? 81.11  105.70 -24.59 0.90 N 
6  1 "O4'" A DG 2  ? ? "C1'" A DG 2  ? ? N9    A DG 2  ? ? 110.64 108.30 2.34   0.30 N 
7  1 N7    A DG 2  ? ? C8    A DG 2  ? ? N9    A DG 2  ? ? 117.64 113.10 4.54   0.50 N 
8  1 C8    A DG 2  ? ? N9    A DG 2  ? ? C4    A DG 2  ? ? 103.53 106.40 -2.87  0.40 N 
9  1 "O4'" A DG 3  ? ? "C1'" A DG 3  ? ? N9    A DG 3  ? ? 110.87 108.30 2.57   0.30 N 
10 1 N7    A DG 3  ? ? C8    A DG 3  ? ? N9    A DG 3  ? ? 117.56 113.10 4.46   0.50 N 
11 1 C8    A DG 3  ? ? N9    A DG 3  ? ? C4    A DG 3  ? ? 103.76 106.40 -2.64  0.40 N 
12 1 "O4'" A DA 4  ? ? "C1'" A DA 4  ? ? N9    A DA 4  ? ? 111.60 108.30 3.30   0.30 N 
13 1 N7    A DA 4  ? ? C8    A DA 4  ? ? N9    A DA 4  ? ? 117.45 113.80 3.65   0.50 N 
14 1 C8    A DA 4  ? ? N9    A DA 4  ? ? C4    A DA 4  ? ? 103.35 105.80 -2.45  0.40 N 
15 1 "O4'" A DC 5  ? ? "C1'" A DC 5  ? ? N1    A DC 5  ? ? 110.69 108.30 2.39   0.30 N 
16 1 N1    A DA 7  ? ? C2    A DA 7  ? ? N3    A DA 7  ? ? 126.14 129.30 -3.16  0.50 N 
17 1 N7    A DA 7  ? ? C8    A DA 7  ? ? N9    A DA 7  ? ? 117.83 113.80 4.03   0.50 N 
18 1 C8    A DA 7  ? ? N9    A DA 7  ? ? C4    A DA 7  ? ? 103.07 105.80 -2.73  0.40 N 
19 1 "O4'" A DG 8  ? ? "C1'" A DG 8  ? ? N9    A DG 8  ? ? 111.17 108.30 2.87   0.30 N 
20 1 N7    A DG 8  ? ? C8    A DG 8  ? ? N9    A DG 8  ? ? 117.89 113.10 4.79   0.50 N 
21 1 C8    A DG 8  ? ? N9    A DG 8  ? ? C4    A DG 8  ? ? 103.55 106.40 -2.85  0.40 N 
22 1 "O4'" A DA 9  ? ? "C1'" A DA 9  ? ? N9    A DA 9  ? ? 110.13 108.30 1.83   0.30 N 
23 1 N7    A DA 9  ? ? C8    A DA 9  ? ? N9    A DA 9  ? ? 117.65 113.80 3.85   0.50 N 
24 1 C8    A DA 9  ? ? N9    A DA 9  ? ? C4    A DA 9  ? ? 103.06 105.80 -2.74  0.40 N 
25 1 "O4'" A DA 10 ? ? "C1'" A DA 10 ? ? N9    A DA 10 ? ? 110.79 108.30 2.49   0.30 N 
26 1 N7    A DA 10 ? ? C8    A DA 10 ? ? N9    A DA 10 ? ? 117.71 113.80 3.91   0.50 N 
27 1 C8    A DA 10 ? ? N9    A DA 10 ? ? C4    A DA 10 ? ? 103.23 105.80 -2.57  0.40 N 
28 1 "O4'" A DG 11 ? ? "C1'" A DG 11 ? ? N9    A DG 11 ? ? 110.95 108.30 2.65   0.30 N 
29 1 N7    A DG 11 ? ? C8    A DG 11 ? ? N9    A DG 11 ? ? 117.65 113.10 4.55   0.50 N 
30 1 C8    A DG 11 ? ? N9    A DG 11 ? ? C4    A DG 11 ? ? 103.53 106.40 -2.87  0.40 N 
31 1 "O4'" B DC 12 ? ? "C1'" B DC 12 ? ? N1    B DC 12 ? ? 111.54 108.30 3.24   0.30 N 
32 1 "C3'" B DC 12 ? ? "O3'" B DC 12 ? ? P     B DT 13 ? ? 106.97 119.70 -12.73 1.20 Y 
33 1 "O3'" B DC 12 ? ? P     B DT 13 ? ? "O5'" B DT 13 ? ? 76.71  104.00 -27.29 1.90 Y 
34 1 "O3'" B DC 12 ? ? P     B DT 13 ? ? OP1   B DT 13 ? ? 127.38 110.50 16.88  1.10 Y 
35 1 "O5'" B DT 13 ? ? P     B DT 13 ? ? OP1   B DT 13 ? ? 85.26  105.70 -20.44 0.90 N 
36 1 "O5'" B DT 13 ? ? P     B DT 13 ? ? OP2   B DT 13 ? ? 118.14 110.70 7.44   1.20 N 
37 1 "O4'" B DT 13 ? ? "C1'" B DT 13 ? ? N1    B DT 13 ? ? 110.23 108.30 1.93   0.30 N 
38 1 C6    B DT 13 ? ? C5    B DT 13 ? ? C7    B DT 13 ? ? 119.25 122.90 -3.65  0.60 N 
39 1 "O3'" B DT 13 ? ? P     B DT 14 ? ? OP2   B DT 14 ? ? 124.46 110.50 13.96  1.10 Y 
40 1 "O5'" B DT 14 ? ? P     B DT 14 ? ? OP2   B DT 14 ? ? 94.72  105.70 -10.98 0.90 N 
41 1 "O3'" B DT 14 ? ? P     B DC 15 ? ? "O5'" B DC 15 ? ? 67.29  104.00 -36.71 1.90 Y 
42 1 "O3'" B DT 14 ? ? P     B DC 15 ? ? OP2   B DC 15 ? ? 75.39  105.20 -29.81 2.20 Y 
43 1 "O3'" B DT 14 ? ? P     B DC 15 ? ? OP1   B DC 15 ? ? 119.35 110.50 8.85   1.10 Y 
44 1 "O5'" B DC 15 ? ? P     B DC 15 ? ? OP2   B DC 15 ? ? 135.96 110.70 25.26  1.20 N 
45 1 "O4'" B DC 15 ? ? "C1'" B DC 15 ? ? N1    B DC 15 ? ? 111.17 108.30 2.87   0.30 N 
46 1 "O4'" B DT 16 ? ? "C1'" B DT 16 ? ? N1    B DT 16 ? ? 110.90 108.30 2.60   0.30 N 
47 1 "O4'" B DT 17 ? ? "C1'" B DT 17 ? ? N1    B DT 17 ? ? 110.16 108.30 1.86   0.30 N 
48 1 "O4'" B DG 18 ? ? "C1'" B DG 18 ? ? N9    B DG 18 ? ? 111.08 108.30 2.78   0.30 N 
49 1 N7    B DG 18 ? ? C8    B DG 18 ? ? N9    B DG 18 ? ? 117.54 113.10 4.44   0.50 N 
50 1 C8    B DG 18 ? ? N9    B DG 18 ? ? C4    B DG 18 ? ? 103.85 106.40 -2.55  0.40 N 
51 1 "O4'" B DT 19 ? ? "C1'" B DT 19 ? ? N1    B DT 19 ? ? 111.34 108.30 3.04   0.30 N 
52 1 "O4'" B DC 20 ? ? "C1'" B DC 20 ? ? N1    B DC 20 ? ? 110.67 108.30 2.37   0.30 N 
53 1 "O3'" B DC 20 ? ? P     B DC 21 ? ? "O5'" B DC 21 ? ? 72.34  104.00 -31.66 1.90 Y 
54 1 "O3'" B DC 20 ? ? P     B DC 21 ? ? OP2   B DC 21 ? ? 85.76  105.20 -19.44 2.20 Y 
55 1 "O3'" B DC 20 ? ? P     B DC 21 ? ? OP1   B DC 21 ? ? 134.68 110.50 24.18  1.10 Y 
56 1 OP1   B DC 21 ? ? P     B DC 21 ? ? OP2   B DC 21 ? ? 94.03  119.60 -25.57 1.50 N 
57 1 "O5'" B DC 21 ? ? P     B DC 21 ? ? OP1   B DC 21 ? ? 73.03  105.70 -32.67 0.90 N 
58 1 "O5'" B DC 21 ? ? P     B DC 21 ? ? OP2   B DC 21 ? ? 128.96 110.70 18.26  1.20 N 
59 1 "O4'" B DC 21 ? ? "C1'" B DC 21 ? ? N1    B DC 21 ? ? 113.52 108.30 5.22   0.30 N 
60 1 "O3'" B DC 21 ? ? P     B DG 22 ? ? "O5'" B DG 22 ? ? 66.90  104.00 -37.10 1.90 Y 
61 1 "O3'" B DC 21 ? ? P     B DG 22 ? ? OP1   B DG 22 ? ? 139.13 110.50 28.63  1.10 Y 
62 1 OP1   B DG 22 ? ? P     B DG 22 ? ? OP2   B DG 22 ? ? 107.09 119.60 -12.51 1.50 N 
63 1 "O5'" B DG 22 ? ? P     B DG 22 ? ? OP1   B DG 22 ? ? 72.26  105.70 -33.44 0.90 N 
64 1 "O5'" B DG 22 ? ? P     B DG 22 ? ? OP2   B DG 22 ? ? 121.73 110.70 11.03  1.20 N 
65 1 N7    B DG 22 ? ? C8    B DG 22 ? ? N9    B DG 22 ? ? 117.75 113.10 4.65   0.50 N 
66 1 C8    B DG 22 ? ? N9    B DG 22 ? ? C4    B DG 22 ? ? 103.44 106.40 -2.96  0.40 N 
# 
_pdbx_struct_mod_residue.id               1 
_pdbx_struct_mod_residue.label_asym_id    A 
_pdbx_struct_mod_residue.label_comp_id    R 
_pdbx_struct_mod_residue.label_seq_id     6 
_pdbx_struct_mod_residue.auth_asym_id     A 
_pdbx_struct_mod_residue.auth_comp_id     R 
_pdbx_struct_mod_residue.auth_seq_id      6 
_pdbx_struct_mod_residue.PDB_ins_code     ? 
_pdbx_struct_mod_residue.parent_comp_id   DA 
_pdbx_struct_mod_residue.details          ? 
# 
_pdbx_nmr_ensemble.entry_id                             1AGK 
_pdbx_nmr_ensemble.conformers_calculated_total_number   1 
_pdbx_nmr_ensemble.conformers_submitted_total_number    1 
_pdbx_nmr_ensemble.conformer_selection_criteria         
'THIS STRUCTURE PROVIDED THE BEST-FIT FOR THE NOE DATA BASED ON THE RELAXATION MATRIX ANALYSIS USING CORMA' 
# 
_pdbx_nmr_exptl_sample_conditions.conditions_id       1 
_pdbx_nmr_exptl_sample_conditions.temperature         293 
_pdbx_nmr_exptl_sample_conditions.pressure            ? 
_pdbx_nmr_exptl_sample_conditions.pH                  6.9 
_pdbx_nmr_exptl_sample_conditions.ionic_strength      ? 
_pdbx_nmr_exptl_sample_conditions.pressure_units      . 
_pdbx_nmr_exptl_sample_conditions.temperature_units   K 
# 
loop_
_pdbx_nmr_exptl.experiment_id 
_pdbx_nmr_exptl.conditions_id 
_pdbx_nmr_exptl.type 
_pdbx_nmr_exptl.solution_id 
1 1 NOESY       1 
2 1 2QF-COSY    1 
3 1 'AND TOCSY' 1 
4 1 ': NOESY'   1 
5 1 2QF-COSY    1 
6 1 'AND(DO'    1 
7 1 "05'-D"     1 
# 
_pdbx_nmr_refine.entry_id           1AGK 
_pdbx_nmr_refine.method             'NOE-RESTRAINED MOLECULAR DYNAMICS/SIMULATED ANNEALING' 
_pdbx_nmr_refine.details            'REFINEMENT DETAILS CAN BE FOUND IN THE JRNL CITATION ABOVE.' 
_pdbx_nmr_refine.software_ordinal   1 
# 
loop_
_pdbx_nmr_software.classification 
_pdbx_nmr_software.name 
_pdbx_nmr_software.version 
_pdbx_nmr_software.authors 
_pdbx_nmr_software.ordinal 
refinement           X-PLOR    3.1 BRUNGER 1 
'structure solution' Felix     ?   ?       2 
'structure solution' X-PLOR    ?   ?       3 
'structure solution' MARDIGRAS ?   ?       4 
'structure solution' CORMA     ?   ?       5 
# 
loop_
_chem_comp_atom.comp_id 
_chem_comp_atom.atom_id 
_chem_comp_atom.type_symbol 
_chem_comp_atom.pdbx_aromatic_flag 
_chem_comp_atom.pdbx_stereo_config 
_chem_comp_atom.pdbx_ordinal 
DA OP3    O N N 1   
DA P      P N N 2   
DA OP1    O N N 3   
DA OP2    O N N 4   
DA "O5'"  O N N 5   
DA "C5'"  C N N 6   
DA "C4'"  C N R 7   
DA "O4'"  O N N 8   
DA "C3'"  C N S 9   
DA "O3'"  O N N 10  
DA "C2'"  C N N 11  
DA "C1'"  C N R 12  
DA N9     N Y N 13  
DA C8     C Y N 14  
DA N7     N Y N 15  
DA C5     C Y N 16  
DA C6     C Y N 17  
DA N6     N N N 18  
DA N1     N Y N 19  
DA C2     C Y N 20  
DA N3     N Y N 21  
DA C4     C Y N 22  
DA HOP3   H N N 23  
DA HOP2   H N N 24  
DA "H5'"  H N N 25  
DA "H5''" H N N 26  
DA "H4'"  H N N 27  
DA "H3'"  H N N 28  
DA "HO3'" H N N 29  
DA "H2'"  H N N 30  
DA "H2''" H N N 31  
DA "H1'"  H N N 32  
DA H8     H N N 33  
DA H61    H N N 34  
DA H62    H N N 35  
DA H2     H N N 36  
DC OP3    O N N 37  
DC P      P N N 38  
DC OP1    O N N 39  
DC OP2    O N N 40  
DC "O5'"  O N N 41  
DC "C5'"  C N N 42  
DC "C4'"  C N R 43  
DC "O4'"  O N N 44  
DC "C3'"  C N S 45  
DC "O3'"  O N N 46  
DC "C2'"  C N N 47  
DC "C1'"  C N R 48  
DC N1     N N N 49  
DC C2     C N N 50  
DC O2     O N N 51  
DC N3     N N N 52  
DC C4     C N N 53  
DC N4     N N N 54  
DC C5     C N N 55  
DC C6     C N N 56  
DC HOP3   H N N 57  
DC HOP2   H N N 58  
DC "H5'"  H N N 59  
DC "H5''" H N N 60  
DC "H4'"  H N N 61  
DC "H3'"  H N N 62  
DC "HO3'" H N N 63  
DC "H2'"  H N N 64  
DC "H2''" H N N 65  
DC "H1'"  H N N 66  
DC H41    H N N 67  
DC H42    H N N 68  
DC H5     H N N 69  
DC H6     H N N 70  
DG OP3    O N N 71  
DG P      P N N 72  
DG OP1    O N N 73  
DG OP2    O N N 74  
DG "O5'"  O N N 75  
DG "C5'"  C N N 76  
DG "C4'"  C N R 77  
DG "O4'"  O N N 78  
DG "C3'"  C N S 79  
DG "O3'"  O N N 80  
DG "C2'"  C N N 81  
DG "C1'"  C N R 82  
DG N9     N Y N 83  
DG C8     C Y N 84  
DG N7     N Y N 85  
DG C5     C Y N 86  
DG C6     C N N 87  
DG O6     O N N 88  
DG N1     N N N 89  
DG C2     C N N 90  
DG N2     N N N 91  
DG N3     N N N 92  
DG C4     C Y N 93  
DG HOP3   H N N 94  
DG HOP2   H N N 95  
DG "H5'"  H N N 96  
DG "H5''" H N N 97  
DG "H4'"  H N N 98  
DG "H3'"  H N N 99  
DG "HO3'" H N N 100 
DG "H2'"  H N N 101 
DG "H2''" H N N 102 
DG "H1'"  H N N 103 
DG H8     H N N 104 
DG H1     H N N 105 
DG H21    H N N 106 
DG H22    H N N 107 
DT OP3    O N N 108 
DT P      P N N 109 
DT OP1    O N N 110 
DT OP2    O N N 111 
DT "O5'"  O N N 112 
DT "C5'"  C N N 113 
DT "C4'"  C N R 114 
DT "O4'"  O N N 115 
DT "C3'"  C N S 116 
DT "O3'"  O N N 117 
DT "C2'"  C N N 118 
DT "C1'"  C N R 119 
DT N1     N N N 120 
DT C2     C N N 121 
DT O2     O N N 122 
DT N3     N N N 123 
DT C4     C N N 124 
DT O4     O N N 125 
DT C5     C N N 126 
DT C7     C N N 127 
DT C6     C N N 128 
DT HOP3   H N N 129 
DT HOP2   H N N 130 
DT "H5'"  H N N 131 
DT "H5''" H N N 132 
DT "H4'"  H N N 133 
DT "H3'"  H N N 134 
DT "HO3'" H N N 135 
DT "H2'"  H N N 136 
DT "H2''" H N N 137 
DT "H1'"  H N N 138 
DT H3     H N N 139 
DT H71    H N N 140 
DT H72    H N N 141 
DT H73    H N N 142 
DT H6     H N N 143 
R  P      P N N 144 
R  OP1    O N N 145 
R  OP2    O N N 146 
R  OP3    O N N 147 
R  "O5'"  O N N 148 
R  "C5'"  C N N 149 
R  "C4'"  C N R 150 
R  "O4'"  O N N 151 
R  "C3'"  C N S 152 
R  "O3'"  O N N 153 
R  "C2'"  C N N 154 
R  "C1'"  C N R 155 
R  N9     N Y N 156 
R  C8     C Y N 157 
R  N7     N Y N 158 
R  C5     C Y N 159 
R  C6     C Y N 160 
R  N6     N N N 161 
R  N1     N Y N 162 
R  C2     C Y N 163 
R  N3     N Y N 164 
R  C4     C Y N 165 
R  CA     C N R 166 
R  CB     C N N 167 
R  OB     O N N 168 
R  CJ     C Y N 169 
R  CO     C Y N 170 
R  "CO'"  C Y N 171 
R  CM     C Y N 172 
R  "CM'"  C Y N 173 
R  CP     C Y N 174 
R  HOP2   H N N 175 
R  HOP3   H N N 176 
R  "H5'"  H N N 177 
R  "H5''" H N N 178 
R  "H4'"  H N N 179 
R  "H3'"  H N N 180 
R  "HO3'" H N N 181 
R  "H2'"  H N N 182 
R  "H2''" H N N 183 
R  "H1'"  H N N 184 
R  H8     H N N 185 
R  H6     H N N 186 
R  H2     H N N 187 
R  HA     H N N 188 
R  HB1    H N N 189 
R  HB2    H N N 190 
R  HB     H N N 191 
R  HO     H N N 192 
R  "HO'"  H N N 193 
R  HM     H N N 194 
R  "HM'"  H N N 195 
R  HP     H N N 196 
# 
loop_
_chem_comp_bond.comp_id 
_chem_comp_bond.atom_id_1 
_chem_comp_bond.atom_id_2 
_chem_comp_bond.value_order 
_chem_comp_bond.pdbx_aromatic_flag 
_chem_comp_bond.pdbx_stereo_config 
_chem_comp_bond.pdbx_ordinal 
DA OP3   P      sing N N 1   
DA OP3   HOP3   sing N N 2   
DA P     OP1    doub N N 3   
DA P     OP2    sing N N 4   
DA P     "O5'"  sing N N 5   
DA OP2   HOP2   sing N N 6   
DA "O5'" "C5'"  sing N N 7   
DA "C5'" "C4'"  sing N N 8   
DA "C5'" "H5'"  sing N N 9   
DA "C5'" "H5''" sing N N 10  
DA "C4'" "O4'"  sing N N 11  
DA "C4'" "C3'"  sing N N 12  
DA "C4'" "H4'"  sing N N 13  
DA "O4'" "C1'"  sing N N 14  
DA "C3'" "O3'"  sing N N 15  
DA "C3'" "C2'"  sing N N 16  
DA "C3'" "H3'"  sing N N 17  
DA "O3'" "HO3'" sing N N 18  
DA "C2'" "C1'"  sing N N 19  
DA "C2'" "H2'"  sing N N 20  
DA "C2'" "H2''" sing N N 21  
DA "C1'" N9     sing N N 22  
DA "C1'" "H1'"  sing N N 23  
DA N9    C8     sing Y N 24  
DA N9    C4     sing Y N 25  
DA C8    N7     doub Y N 26  
DA C8    H8     sing N N 27  
DA N7    C5     sing Y N 28  
DA C5    C6     sing Y N 29  
DA C5    C4     doub Y N 30  
DA C6    N6     sing N N 31  
DA C6    N1     doub Y N 32  
DA N6    H61    sing N N 33  
DA N6    H62    sing N N 34  
DA N1    C2     sing Y N 35  
DA C2    N3     doub Y N 36  
DA C2    H2     sing N N 37  
DA N3    C4     sing Y N 38  
DC OP3   P      sing N N 39  
DC OP3   HOP3   sing N N 40  
DC P     OP1    doub N N 41  
DC P     OP2    sing N N 42  
DC P     "O5'"  sing N N 43  
DC OP2   HOP2   sing N N 44  
DC "O5'" "C5'"  sing N N 45  
DC "C5'" "C4'"  sing N N 46  
DC "C5'" "H5'"  sing N N 47  
DC "C5'" "H5''" sing N N 48  
DC "C4'" "O4'"  sing N N 49  
DC "C4'" "C3'"  sing N N 50  
DC "C4'" "H4'"  sing N N 51  
DC "O4'" "C1'"  sing N N 52  
DC "C3'" "O3'"  sing N N 53  
DC "C3'" "C2'"  sing N N 54  
DC "C3'" "H3'"  sing N N 55  
DC "O3'" "HO3'" sing N N 56  
DC "C2'" "C1'"  sing N N 57  
DC "C2'" "H2'"  sing N N 58  
DC "C2'" "H2''" sing N N 59  
DC "C1'" N1     sing N N 60  
DC "C1'" "H1'"  sing N N 61  
DC N1    C2     sing N N 62  
DC N1    C6     sing N N 63  
DC C2    O2     doub N N 64  
DC C2    N3     sing N N 65  
DC N3    C4     doub N N 66  
DC C4    N4     sing N N 67  
DC C4    C5     sing N N 68  
DC N4    H41    sing N N 69  
DC N4    H42    sing N N 70  
DC C5    C6     doub N N 71  
DC C5    H5     sing N N 72  
DC C6    H6     sing N N 73  
DG OP3   P      sing N N 74  
DG OP3   HOP3   sing N N 75  
DG P     OP1    doub N N 76  
DG P     OP2    sing N N 77  
DG P     "O5'"  sing N N 78  
DG OP2   HOP2   sing N N 79  
DG "O5'" "C5'"  sing N N 80  
DG "C5'" "C4'"  sing N N 81  
DG "C5'" "H5'"  sing N N 82  
DG "C5'" "H5''" sing N N 83  
DG "C4'" "O4'"  sing N N 84  
DG "C4'" "C3'"  sing N N 85  
DG "C4'" "H4'"  sing N N 86  
DG "O4'" "C1'"  sing N N 87  
DG "C3'" "O3'"  sing N N 88  
DG "C3'" "C2'"  sing N N 89  
DG "C3'" "H3'"  sing N N 90  
DG "O3'" "HO3'" sing N N 91  
DG "C2'" "C1'"  sing N N 92  
DG "C2'" "H2'"  sing N N 93  
DG "C2'" "H2''" sing N N 94  
DG "C1'" N9     sing N N 95  
DG "C1'" "H1'"  sing N N 96  
DG N9    C8     sing Y N 97  
DG N9    C4     sing Y N 98  
DG C8    N7     doub Y N 99  
DG C8    H8     sing N N 100 
DG N7    C5     sing Y N 101 
DG C5    C6     sing N N 102 
DG C5    C4     doub Y N 103 
DG C6    O6     doub N N 104 
DG C6    N1     sing N N 105 
DG N1    C2     sing N N 106 
DG N1    H1     sing N N 107 
DG C2    N2     sing N N 108 
DG C2    N3     doub N N 109 
DG N2    H21    sing N N 110 
DG N2    H22    sing N N 111 
DG N3    C4     sing N N 112 
DT OP3   P      sing N N 113 
DT OP3   HOP3   sing N N 114 
DT P     OP1    doub N N 115 
DT P     OP2    sing N N 116 
DT P     "O5'"  sing N N 117 
DT OP2   HOP2   sing N N 118 
DT "O5'" "C5'"  sing N N 119 
DT "C5'" "C4'"  sing N N 120 
DT "C5'" "H5'"  sing N N 121 
DT "C5'" "H5''" sing N N 122 
DT "C4'" "O4'"  sing N N 123 
DT "C4'" "C3'"  sing N N 124 
DT "C4'" "H4'"  sing N N 125 
DT "O4'" "C1'"  sing N N 126 
DT "C3'" "O3'"  sing N N 127 
DT "C3'" "C2'"  sing N N 128 
DT "C3'" "H3'"  sing N N 129 
DT "O3'" "HO3'" sing N N 130 
DT "C2'" "C1'"  sing N N 131 
DT "C2'" "H2'"  sing N N 132 
DT "C2'" "H2''" sing N N 133 
DT "C1'" N1     sing N N 134 
DT "C1'" "H1'"  sing N N 135 
DT N1    C2     sing N N 136 
DT N1    C6     sing N N 137 
DT C2    O2     doub N N 138 
DT C2    N3     sing N N 139 
DT N3    C4     sing N N 140 
DT N3    H3     sing N N 141 
DT C4    O4     doub N N 142 
DT C4    C5     sing N N 143 
DT C5    C7     sing N N 144 
DT C5    C6     doub N N 145 
DT C7    H71    sing N N 146 
DT C7    H72    sing N N 147 
DT C7    H73    sing N N 148 
DT C6    H6     sing N N 149 
R  P     OP1    doub N N 150 
R  P     OP2    sing N N 151 
R  P     OP3    sing N N 152 
R  P     "O5'"  sing N N 153 
R  OP2   HOP2   sing N N 154 
R  OP3   HOP3   sing N N 155 
R  "O5'" "C5'"  sing N N 156 
R  "C5'" "C4'"  sing N N 157 
R  "C5'" "H5'"  sing N N 158 
R  "C5'" "H5''" sing N N 159 
R  "C4'" "O4'"  sing N N 160 
R  "C4'" "C3'"  sing N N 161 
R  "C4'" "H4'"  sing N N 162 
R  "O4'" "C1'"  sing N N 163 
R  "C3'" "O3'"  sing N N 164 
R  "C3'" "C2'"  sing N N 165 
R  "C3'" "H3'"  sing N N 166 
R  "O3'" "HO3'" sing N N 167 
R  "C2'" "C1'"  sing N N 168 
R  "C2'" "H2'"  sing N N 169 
R  "C2'" "H2''" sing N N 170 
R  "C1'" N9     sing N N 171 
R  "C1'" "H1'"  sing N N 172 
R  N9    C8     sing Y N 173 
R  N9    C4     sing Y N 174 
R  C8    N7     doub Y N 175 
R  C8    H8     sing N N 176 
R  N7    C5     sing Y N 177 
R  C5    C6     sing Y N 178 
R  C5    C4     doub Y N 179 
R  C6    N6     sing N N 180 
R  C6    N1     doub Y N 181 
R  N6    CA     sing N N 182 
R  N6    H6     sing N N 183 
R  N1    C2     sing Y N 184 
R  C2    N3     doub Y N 185 
R  C2    H2     sing N N 186 
R  N3    C4     sing Y N 187 
R  CA    CB     sing N N 188 
R  CA    CJ     sing N N 189 
R  CA    HA     sing N N 190 
R  CB    OB     sing N N 191 
R  CB    HB1    sing N N 192 
R  CB    HB2    sing N N 193 
R  OB    HB     sing N N 194 
R  CJ    CO     doub Y N 195 
R  CJ    "CO'"  sing Y N 196 
R  CO    CM     sing Y N 197 
R  CO    HO     sing N N 198 
R  "CO'" "CM'"  doub Y N 199 
R  "CO'" "HO'"  sing N N 200 
R  CM    CP     doub Y N 201 
R  CM    HM     sing N N 202 
R  "CM'" CP     sing Y N 203 
R  "CM'" "HM'"  sing N N 204 
R  CP    HP     sing N N 205 
# 
loop_
_ndb_struct_conf_na.entry_id 
_ndb_struct_conf_na.feature 
1AGK 'double helix'        
1AGK 'b-form double helix' 
# 
loop_
_ndb_struct_na_base_pair.model_number 
_ndb_struct_na_base_pair.i_label_asym_id 
_ndb_struct_na_base_pair.i_label_comp_id 
_ndb_struct_na_base_pair.i_label_seq_id 
_ndb_struct_na_base_pair.i_symmetry 
_ndb_struct_na_base_pair.j_label_asym_id 
_ndb_struct_na_base_pair.j_label_comp_id 
_ndb_struct_na_base_pair.j_label_seq_id 
_ndb_struct_na_base_pair.j_symmetry 
_ndb_struct_na_base_pair.shear 
_ndb_struct_na_base_pair.stretch 
_ndb_struct_na_base_pair.stagger 
_ndb_struct_na_base_pair.buckle 
_ndb_struct_na_base_pair.propeller 
_ndb_struct_na_base_pair.opening 
_ndb_struct_na_base_pair.pair_number 
_ndb_struct_na_base_pair.pair_name 
_ndb_struct_na_base_pair.i_auth_asym_id 
_ndb_struct_na_base_pair.i_auth_seq_id 
_ndb_struct_na_base_pair.i_PDB_ins_code 
_ndb_struct_na_base_pair.j_auth_asym_id 
_ndb_struct_na_base_pair.j_auth_seq_id 
_ndb_struct_na_base_pair.j_PDB_ins_code 
_ndb_struct_na_base_pair.hbond_type_28 
_ndb_struct_na_base_pair.hbond_type_12 
1 A DC 1  1_555 B DG 11 1_555 0.730  -0.369 0.180  -17.225 -1.455  -2.180 1  A_DC1:DG22_B  A 1  ? B 22 ? 19 1 
1 A DG 2  1_555 B DC 10 1_555 -0.761 -0.380 0.025  -0.316  -9.939  -0.132 2  A_DG2:DC21_B  A 2  ? B 21 ? 19 1 
1 A DG 3  1_555 B DC 9  1_555 -0.626 -0.221 0.075  5.462   -7.830  0.644  3  A_DG3:DC20_B  A 3  ? B 20 ? 19 1 
1 A DA 4  1_555 B DT 8  1_555 0.744  -0.212 -0.597 0.714   -14.796 3.227  4  A_DA4:DT19_B  A 4  ? B 19 ? 20 1 
1 A DC 5  1_555 B DG 7  1_555 -0.341 -0.172 -0.192 -11.411 5.596   -4.028 5  A_DC5:DG18_B  A 5  ? B 18 ? 19 1 
1 A R  6  1_555 B DT 6  1_555 0.169  -0.056 0.049  3.436   -3.064  -0.247 6  A_R6:DT17_B   A 6  ? B 17 ? 20 1 
1 A DA 7  1_555 B DT 5  1_555 0.525  -0.138 0.048  12.139  -13.973 -2.513 7  A_DA7:DT16_B  A 7  ? B 16 ? 20 1 
1 A DG 8  1_555 B DC 4  1_555 -0.599 -0.185 0.223  7.801   -8.808  -2.424 8  A_DG8:DC15_B  A 8  ? B 15 ? 19 1 
1 A DA 9  1_555 B DT 3  1_555 0.189  -0.229 -0.123 3.028   -18.771 -3.417 9  A_DA9:DT14_B  A 9  ? B 14 ? 20 1 
1 A DA 10 1_555 B DT 2  1_555 0.285  -0.213 0.084  10.055  -6.829  -2.873 10 A_DA10:DT13_B A 10 ? B 13 ? 20 1 
1 A DG 11 1_555 B DC 1  1_555 -0.831 -0.257 0.796  29.256  4.463   2.211  11 A_DG11:DC12_B A 11 ? B 12 ? 19 1 
# 
loop_
_ndb_struct_na_base_pair_step.model_number 
_ndb_struct_na_base_pair_step.i_label_asym_id_1 
_ndb_struct_na_base_pair_step.i_label_comp_id_1 
_ndb_struct_na_base_pair_step.i_label_seq_id_1 
_ndb_struct_na_base_pair_step.i_symmetry_1 
_ndb_struct_na_base_pair_step.j_label_asym_id_1 
_ndb_struct_na_base_pair_step.j_label_comp_id_1 
_ndb_struct_na_base_pair_step.j_label_seq_id_1 
_ndb_struct_na_base_pair_step.j_symmetry_1 
_ndb_struct_na_base_pair_step.i_label_asym_id_2 
_ndb_struct_na_base_pair_step.i_label_comp_id_2 
_ndb_struct_na_base_pair_step.i_label_seq_id_2 
_ndb_struct_na_base_pair_step.i_symmetry_2 
_ndb_struct_na_base_pair_step.j_label_asym_id_2 
_ndb_struct_na_base_pair_step.j_label_comp_id_2 
_ndb_struct_na_base_pair_step.j_label_seq_id_2 
_ndb_struct_na_base_pair_step.j_symmetry_2 
_ndb_struct_na_base_pair_step.shift 
_ndb_struct_na_base_pair_step.slide 
_ndb_struct_na_base_pair_step.rise 
_ndb_struct_na_base_pair_step.tilt 
_ndb_struct_na_base_pair_step.roll 
_ndb_struct_na_base_pair_step.twist 
_ndb_struct_na_base_pair_step.x_displacement 
_ndb_struct_na_base_pair_step.y_displacement 
_ndb_struct_na_base_pair_step.helical_rise 
_ndb_struct_na_base_pair_step.inclination 
_ndb_struct_na_base_pair_step.tip 
_ndb_struct_na_base_pair_step.helical_twist 
_ndb_struct_na_base_pair_step.step_number 
_ndb_struct_na_base_pair_step.step_name 
_ndb_struct_na_base_pair_step.i_auth_asym_id_1 
_ndb_struct_na_base_pair_step.i_auth_seq_id_1 
_ndb_struct_na_base_pair_step.i_PDB_ins_code_1 
_ndb_struct_na_base_pair_step.j_auth_asym_id_1 
_ndb_struct_na_base_pair_step.j_auth_seq_id_1 
_ndb_struct_na_base_pair_step.j_PDB_ins_code_1 
_ndb_struct_na_base_pair_step.i_auth_asym_id_2 
_ndb_struct_na_base_pair_step.i_auth_seq_id_2 
_ndb_struct_na_base_pair_step.i_PDB_ins_code_2 
_ndb_struct_na_base_pair_step.j_auth_asym_id_2 
_ndb_struct_na_base_pair_step.j_auth_seq_id_2 
_ndb_struct_na_base_pair_step.j_PDB_ins_code_2 
1 A DC 1  1_555 B DG 11 1_555 A DG 2  1_555 B DC 10 1_555 0.342  0.034  2.633 1.289  12.413 28.053 -1.922 -0.441 2.442 24.151 
-2.507 30.653 1  AA_DC1DG2:DC21DG22_BB   A 1  ? B 22 ? A 2  ? B 21 ? 
1 A DG 2  1_555 B DC 10 1_555 A DG 3  1_555 B DC 9  1_555 -0.365 0.039  3.048 -0.991 0.938  33.067 -0.080 0.484  3.057 1.648  
1.741  33.095 2  AA_DG2DG3:DC20DC21_BB   A 2  ? B 21 ? A 3  ? B 20 ? 
1 A DG 3  1_555 B DC 9  1_555 A DA 4  1_555 B DT 8  1_555 0.444  0.181  3.601 3.611  -3.749 40.315 0.721  -0.196 3.596 -5.411 
-5.214 40.636 3  AA_DG3DA4:DT19DC20_BB   A 3  ? B 20 ? A 4  ? B 19 ? 
1 A DA 4  1_555 B DT 8  1_555 A DC 5  1_555 B DG 7  1_555 -1.320 -0.637 3.335 -8.304 5.542  35.925 -1.771 0.908  3.414 8.778  
13.152 37.242 4  AA_DA4DC5:DG18DT19_BB   A 4  ? B 19 ? A 5  ? B 18 ? 
1 A DC 5  1_555 B DG 7  1_555 A R  6  1_555 B DT 6  1_555 -0.045 -0.204 3.270 2.712  -2.000 33.855 -0.029 0.510  3.263 -3.423 
-4.643 34.017 5  AA_DC5R6:DT17DG18_BB    A 5  ? B 18 ? A 6  ? B 17 ? 
1 A R  6  1_555 B DT 6  1_555 A DA 7  1_555 B DT 5  1_555 -0.394 0.303  2.904 0.345  4.203  36.616 -0.029 0.664  2.916 6.662  
-0.547 36.849 6  AA_R6DA7:DT16DT17_BB    A 6  ? B 17 ? A 7  ? B 16 ? 
1 A DA 7  1_555 B DT 5  1_555 A DG 8  1_555 B DC 4  1_555 -0.077 -0.155 3.185 -1.932 0.626  30.681 -0.411 -0.223 3.180 1.181  
3.646  30.747 7  AA_DA7DG8:DC15DT16_BB   A 7  ? B 16 ? A 8  ? B 15 ? 
1 A DG 8  1_555 B DC 4  1_555 A DA 9  1_555 B DT 3  1_555 -0.189 -0.030 3.420 3.543  -4.885 40.165 0.524  0.685  3.373 -7.065 
-5.124 40.597 8  AA_DG8DA9:DT14DC15_BB   A 8  ? B 15 ? A 9  ? B 14 ? 
1 A DA 9  1_555 B DT 3  1_555 A DA 10 1_555 B DT 2  1_555 0.092  0.057  2.882 -1.797 -2.303 36.905 0.363  -0.357 2.866 -3.631 
2.834  37.017 9  AA_DA9DA10:DT13DT14_BB  A 9  ? B 14 ? A 10 ? B 13 ? 
1 A DA 10 1_555 B DT 2  1_555 A DG 11 1_555 B DC 1  1_555 0.480  0.239  2.696 -4.559 5.364  25.871 -0.621 -2.001 2.571 11.708 
9.950  26.796 10 AA_DA10DG11:DC12DT13_BB A 10 ? B 13 ? A 11 ? B 12 ? 
# 
_pdbx_nmr_spectrometer.spectrometer_id   1 
_pdbx_nmr_spectrometer.model             AMX500 
_pdbx_nmr_spectrometer.manufacturer      Bruker 
_pdbx_nmr_spectrometer.field_strength    500 
# 
_atom_sites.entry_id                    1AGK 
_atom_sites.fract_transf_matrix[1][1]   1.000000 
_atom_sites.fract_transf_matrix[1][2]   0.000000 
_atom_sites.fract_transf_matrix[1][3]   0.000000 
_atom_sites.fract_transf_matrix[2][1]   0.000000 
_atom_sites.fract_transf_matrix[2][2]   1.000000 
_atom_sites.fract_transf_matrix[2][3]   0.000000 
_atom_sites.fract_transf_matrix[3][1]   0.000000 
_atom_sites.fract_transf_matrix[3][2]   0.000000 
_atom_sites.fract_transf_matrix[3][3]   1.000000 
_atom_sites.fract_transf_vector[1]      0.00000 
_atom_sites.fract_transf_vector[2]      0.00000 
_atom_sites.fract_transf_vector[3]      0.00000 
# 
loop_
_atom_type.symbol 
C 
H 
N 
O 
P 
# 
loop_
_atom_site.group_PDB 
_atom_site.id 
_atom_site.type_symbol 
_atom_site.label_atom_id 
_atom_site.label_alt_id 
_atom_site.label_comp_id 
_atom_site.label_asym_id 
_atom_site.label_entity_id 
_atom_site.label_seq_id 
_atom_site.pdbx_PDB_ins_code 
_atom_site.Cartn_x 
_atom_site.Cartn_y 
_atom_site.Cartn_z 
_atom_site.occupancy 
_atom_site.B_iso_or_equiv 
_atom_site.pdbx_formal_charge 
_atom_site.auth_seq_id 
_atom_site.auth_comp_id 
_atom_site.auth_asym_id 
_atom_site.auth_atom_id 
_atom_site.pdbx_PDB_model_num 
ATOM   1   O "O5'"  . DC A 1 1  ? 13.734  5.341   13.325  1.00 1.88 ? 1  DC A "O5'"  1 
ATOM   2   C "C5'"  . DC A 1 1  ? 13.199  6.133   14.398  1.00 1.81 ? 1  DC A "C5'"  1 
ATOM   3   C "C4'"  . DC A 1 1  ? 12.079  7.050   13.923  1.00 1.65 ? 1  DC A "C4'"  1 
ATOM   4   O "O4'"  . DC A 1 1  ? 12.417  7.620   12.624  1.00 1.58 ? 1  DC A "O4'"  1 
ATOM   5   C "C3'"  . DC A 1 1  ? 10.823  6.238   13.771  1.00 1.48 ? 1  DC A "C3'"  1 
ATOM   6   O "O3'"  . DC A 1 1  ? 9.650   6.770   14.595  1.00 1.50 ? 1  DC A "O3'"  1 
ATOM   7   C "C2'"  . DC A 1 1  ? 10.609  6.129   12.260  1.00 1.30 ? 1  DC A "C2'"  1 
ATOM   8   C "C1'"  . DC A 1 1  ? 11.410  7.252   11.654  1.00 1.35 ? 1  DC A "C1'"  1 
ATOM   9   N N1     . DC A 1 1  ? 11.996  6.876   10.339  1.00 1.27 ? 1  DC A N1     1 
ATOM   10  C C2     . DC A 1 1  ? 11.594  7.640   9.255   1.00 1.16 ? 1  DC A C2     1 
ATOM   11  O O2     . DC A 1 1  ? 10.791  8.559   9.410   1.00 1.16 ? 1  DC A O2     1 
ATOM   12  N N3     . DC A 1 1  ? 12.088  7.339   8.030   1.00 1.09 ? 1  DC A N3     1 
ATOM   13  C C4     . DC A 1 1  ? 12.944  6.330   7.859   1.00 1.15 ? 1  DC A C4     1 
ATOM   14  N N4     . DC A 1 1  ? 13.411  6.088   6.634   1.00 1.12 ? 1  DC A N4     1 
ATOM   15  C C5     . DC A 1 1  ? 13.371  5.527   8.967   1.00 1.29 ? 1  DC A C5     1 
ATOM   16  C C6     . DC A 1 1  ? 12.874  5.832   10.190  1.00 1.33 ? 1  DC A C6     1 
ATOM   17  H "H5'"  . DC A 1 1  ? 13.996  6.737   14.832  1.00 2.02 ? 1  DC A "H5'"  1 
ATOM   18  H "H5''" . DC A 1 1  ? 12.807  5.464   15.158  1.00 2.21 ? 1  DC A "H5''" 1 
ATOM   19  H "H4'"  . DC A 1 1  ? 11.909  7.844   14.643  1.00 1.74 ? 1  DC A "H4'"  1 
ATOM   20  H "H3'"  . DC A 1 1  ? 11.035  5.209   14.110  1.00 1.52 ? 1  DC A "H3'"  1 
ATOM   21  H "H2'"  . DC A 1 1  ? 10.998  5.160   11.899  1.00 1.28 ? 1  DC A "H2'"  1 
ATOM   22  H "H2''" . DC A 1 1  ? 9.562   6.225   12.002  1.00 1.22 ? 1  DC A "H2''" 1 
ATOM   23  H "H1'"  . DC A 1 1  ? 10.741  8.092   11.503  1.00 1.33 ? 1  DC A "H1'"  1 
ATOM   24  H H41    . DC A 1 1  ? 13.103  6.662   5.860   1.00 1.04 ? 1  DC A H41    1 
ATOM   25  H H42    . DC A 1 1  ? 14.066  5.338   6.476   1.00 1.21 ? 1  DC A H42    1 
ATOM   26  H H5     . DC A 1 1  ? 14.066  4.697   8.830   1.00 1.38 ? 1  DC A H5     1 
ATOM   27  H H6     . DC A 1 1  ? 13.166  5.241   11.057  1.00 1.44 ? 1  DC A H6     1 
ATOM   28  H "HO5'" . DC A 1 1  ? 14.250  5.938   12.762  1.00 1.99 ? 1  DC A "HO5'" 1 
ATOM   29  P P      . DG A 1 2  ? 8.565   5.585   14.694  1.00 1.40 ? 2  DG A P      1 
ATOM   30  O OP1    . DG A 1 2  ? 7.003   5.619   14.796  1.00 2.38 ? 2  DG A OP1    1 
ATOM   31  O OP2    . DG A 1 2  ? 9.358   4.335   14.545  1.00 1.30 ? 2  DG A OP2    1 
ATOM   32  O "O5'"  . DG A 1 2  ? 8.256   6.373   13.386  1.00 1.27 ? 2  DG A "O5'"  1 
ATOM   33  C "C5'"  . DG A 1 2  ? 7.497   7.676   13.593  1.00 1.37 ? 2  DG A "C5'"  1 
ATOM   34  C "C4'"  . DG A 1 2  ? 6.614   8.043   12.409  1.00 1.18 ? 2  DG A "C4'"  1 
ATOM   35  O "O4'"  . DG A 1 2  ? 7.425   8.093   11.230  1.00 1.05 ? 2  DG A "O4'"  1 
ATOM   36  C "C3'"  . DG A 1 2  ? 5.509   7.006   12.200  1.00 1.08 ? 2  DG A "C3'"  1 
ATOM   37  O "O3'"  . DG A 1 2  ? 4.198   7.601   12.364  1.00 1.11 ? 2  DG A "O3'"  1 
ATOM   38  C "C2'"  . DG A 1 2  ? 5.716   6.509   10.790  1.00 0.92 ? 2  DG A "C2'"  1 
ATOM   39  C "C1'"  . DG A 1 2  ? 6.757   7.420   10.157  1.00 0.90 ? 2  DG A "C1'"  1 
ATOM   40  N N9     . DG A 1 2  ? 7.724   6.670   9.330   1.00 0.83 ? 2  DG A N9     1 
ATOM   41  C C8     . DG A 1 2  ? 8.510   5.614   9.663   1.00 0.86 ? 2  DG A C8     1 
ATOM   42  N N7     . DG A 1 2  ? 9.355   5.195   8.782   1.00 0.83 ? 2  DG A N7     1 
ATOM   43  C C5     . DG A 1 2  ? 9.116   6.064   7.717   1.00 0.74 ? 2  DG A C5     1 
ATOM   44  C C6     . DG A 1 2  ? 9.733   6.119   6.443   1.00 0.69 ? 2  DG A C6     1 
ATOM   45  O O6     . DG A 1 2  ? 10.641  5.419   6.003   1.00 0.72 ? 2  DG A O6     1 
ATOM   46  N N1     . DG A 1 2  ? 9.205   7.134   5.663   1.00 0.62 ? 2  DG A N1     1 
ATOM   47  C C2     . DG A 1 2  ? 8.198   7.995   6.047   1.00 0.63 ? 2  DG A C2     1 
ATOM   48  N N2     . DG A 1 2  ? 7.818   8.893   5.134   1.00 0.61 ? 2  DG A N2     1 
ATOM   49  N N3     . DG A 1 2  ? 7.613   7.961   7.255   1.00 0.70 ? 2  DG A N3     1 
ATOM   50  C C4     . DG A 1 2  ? 8.114   6.969   8.037   1.00 0.75 ? 2  DG A C4     1 
ATOM   51  H "H5'"  . DG A 1 2  ? 8.198   8.504   13.767  1.00 1.53 ? 2  DG A "H5'"  1 
ATOM   52  H "H5''" . DG A 1 2  ? 6.858   7.592   14.493  1.00 1.70 ? 2  DG A "H5''" 1 
ATOM   53  H "H4'"  . DG A 1 2  ? 6.158   9.032   12.567  1.00 1.25 ? 2  DG A "H4'"  1 
ATOM   54  H "H3'"  . DG A 1 2  ? 5.638   6.179   12.904  1.00 1.12 ? 2  DG A "H3'"  1 
ATOM   55  H "H2'"  . DG A 1 2  ? 6.080   5.481   10.816  1.00 0.91 ? 2  DG A "H2'"  1 
ATOM   56  H "H2''" . DG A 1 2  ? 4.787   6.562   10.232  1.00 0.87 ? 2  DG A "H2''" 1 
ATOM   57  H "H1'"  . DG A 1 2  ? 6.259   8.162   9.547   1.00 0.86 ? 2  DG A "H1'"  1 
ATOM   58  H H8     . DG A 1 2  ? 8.419   5.126   10.631  1.00 0.94 ? 2  DG A H8     1 
ATOM   59  H H1     . DG A 1 2  ? 9.597   7.227   4.739   1.00 0.59 ? 2  DG A H1     1 
ATOM   60  H H21    . DG A 1 2  ? 8.265   8.906   4.227   1.00 0.56 ? 2  DG A H21    1 
ATOM   61  H H22    . DG A 1 2  ? 7.077   9.546   5.343   1.00 0.65 ? 2  DG A H22    1 
ATOM   62  P P      . DG A 1 3  ? 2.851   6.937   11.731  1.00 1.00 ? 3  DG A P      1 
ATOM   63  O OP1    . DG A 1 3  ? 1.673   7.582   12.356  1.00 1.52 ? 3  DG A OP1    1 
ATOM   64  O OP2    . DG A 1 3  ? 2.985   5.465   11.789  1.00 1.93 ? 3  DG A OP2    1 
ATOM   65  O "O5'"  . DG A 1 3  ? 2.896   7.382   10.170  1.00 0.75 ? 3  DG A "O5'"  1 
ATOM   66  C "C5'"  . DG A 1 3  ? 2.548   8.718   9.763   1.00 0.75 ? 3  DG A "C5'"  1 
ATOM   67  C "C4'"  . DG A 1 3  ? 2.298   8.820   8.249   1.00 0.64 ? 3  DG A "C4'"  1 
ATOM   68  O "O4'"  . DG A 1 3  ? 3.504   8.491   7.521   1.00 0.56 ? 3  DG A "O4'"  1 
ATOM   69  C "C3'"  . DG A 1 3  ? 1.187   7.875   7.772   1.00 0.61 ? 3  DG A "C3'"  1 
ATOM   70  O "O3'"  . DG A 1 3  ? 0.167   8.598   7.066   1.00 0.68 ? 3  DG A "O3'"  1 
ATOM   71  C "C2'"  . DG A 1 3  ? 1.870   6.884   6.865   1.00 0.54 ? 3  DG A "C2'"  1 
ATOM   72  C "C1'"  . DG A 1 3  ? 3.229   7.471   6.543   1.00 0.50 ? 3  DG A "C1'"  1 
ATOM   73  N N9     . DG A 1 3  ? 4.281   6.438   6.551   1.00 0.48 ? 3  DG A N9     1 
ATOM   74  C C8     . DG A 1 3  ? 4.609   5.534   7.508   1.00 0.50 ? 3  DG A C8     1 
ATOM   75  N N7     . DG A 1 3  ? 5.604   4.746   7.270   1.00 0.51 ? 3  DG A N7     1 
ATOM   76  C C5     . DG A 1 3  ? 6.000   5.164   5.996   1.00 0.49 ? 3  DG A C5     1 
ATOM   77  C C6     . DG A 1 3  ? 7.053   4.690   5.168   1.00 0.51 ? 3  DG A C6     1 
ATOM   78  O O6     . DG A 1 3  ? 7.867   3.800   5.401   1.00 0.56 ? 3  DG A O6     1 
ATOM   79  N N1     . DG A 1 3  ? 7.106   5.382   3.966   1.00 0.50 ? 3  DG A N1     1 
ATOM   80  C C2     . DG A 1 3  ? 6.253   6.403   3.598   1.00 0.48 ? 3  DG A C2     1 
ATOM   81  N N2     . DG A 1 3  ? 6.447   6.930   2.389   1.00 0.50 ? 3  DG A N2     1 
ATOM   82  N N3     . DG A 1 3  ? 5.265   6.858   4.371   1.00 0.47 ? 3  DG A N3     1 
ATOM   83  C C4     . DG A 1 3  ? 5.193   6.199   5.550   1.00 0.47 ? 3  DG A C4     1 
ATOM   84  H "H5'"  . DG A 1 3  ? 3.372   9.386   10.029  1.00 0.82 ? 3  DG A "H5'"  1 
ATOM   85  H "H5''" . DG A 1 3  ? 1.654   9.039   10.298  1.00 0.85 ? 3  DG A "H5''" 1 
ATOM   86  H "H4'"  . DG A 1 3  ? 2.016   9.842   8.008   1.00 0.72 ? 3  DG A "H4'"  1 
ATOM   87  H "H3'"  . DG A 1 3  ? 0.746   7.355   8.626   1.00 0.64 ? 3  DG A "H3'"  1 
ATOM   88  H "H2'"  . DG A 1 3  ? 1.986   5.934   7.384   1.00 0.54 ? 3  DG A "H2'"  1 
ATOM   89  H "H2''" . DG A 1 3  ? 1.298   6.747   5.952   1.00 0.56 ? 3  DG A "H2''" 1 
ATOM   90  H "H1'"  . DG A 1 3  ? 3.188   7.930   5.555   1.00 0.49 ? 3  DG A "H1'"  1 
ATOM   91  H H8     . DG A 1 3  ? 4.045   5.467   8.438   1.00 0.52 ? 3  DG A H8     1 
ATOM   92  H H1     . DG A 1 3  ? 7.834   5.097   3.327   1.00 0.53 ? 3  DG A H1     1 
ATOM   93  H H21    . DG A 1 3  ? 7.189   6.584   1.799   1.00 0.52 ? 3  DG A H21    1 
ATOM   94  H H22    . DG A 1 3  ? 5.843   7.670   2.059   1.00 0.51 ? 3  DG A H22    1 
ATOM   95  P P      . DA A 1 4  ? -0.981  7.847   6.198   1.00 0.77 ? 4  DA A P      1 
ATOM   96  O OP1    . DA A 1 4  ? -2.101  8.798   5.989   1.00 1.43 ? 4  DA A OP1    1 
ATOM   97  O OP2    . DA A 1 4  ? -1.249  6.524   6.809   1.00 1.76 ? 4  DA A OP2    1 
ATOM   98  O "O5'"  . DA A 1 4  ? -0.260  7.616   4.772   1.00 0.71 ? 4  DA A "O5'"  1 
ATOM   99  C "C5'"  . DA A 1 4  ? 0.223   8.741   4.018   1.00 0.77 ? 4  DA A "C5'"  1 
ATOM   100 C "C4'"  . DA A 1 4  ? 1.059   8.329   2.804   1.00 0.77 ? 4  DA A "C4'"  1 
ATOM   101 O "O4'"  . DA A 1 4  ? 2.193   7.507   3.191   1.00 0.70 ? 4  DA A "O4'"  1 
ATOM   102 C "C3'"  . DA A 1 4  ? 0.223   7.519   1.823   1.00 0.78 ? 4  DA A "C3'"  1 
ATOM   103 O "O3'"  . DA A 1 4  ? 0.425   7.961   0.468   1.00 0.85 ? 4  DA A "O3'"  1 
ATOM   104 C "C2'"  . DA A 1 4  ? 0.708   6.104   1.993   1.00 0.71 ? 4  DA A "C2'"  1 
ATOM   105 C "C1'"  . DA A 1 4  ? 2.129   6.246   2.500   1.00 0.68 ? 4  DA A "C1'"  1 
ATOM   106 N N9     . DA A 1 4  ? 2.554   5.121   3.373   1.00 0.61 ? 4  DA A N9     1 
ATOM   107 C C8     . DA A 1 4  ? 2.020   4.636   4.525   1.00 0.58 ? 4  DA A C8     1 
ATOM   108 N N7     . DA A 1 4  ? 2.614   3.628   5.081   1.00 0.54 ? 4  DA A N7     1 
ATOM   109 C C5     . DA A 1 4  ? 3.683   3.407   4.205   1.00 0.55 ? 4  DA A C5     1 
ATOM   110 C C6     . DA A 1 4  ? 4.732   2.468   4.187   1.00 0.55 ? 4  DA A C6     1 
ATOM   111 N N6     . DA A 1 4  ? 4.886   1.508   5.103   1.00 0.53 ? 4  DA A N6     1 
ATOM   112 N N1     . DA A 1 4  ? 5.608   2.545   3.167   1.00 0.59 ? 4  DA A N1     1 
ATOM   113 C C2     . DA A 1 4  ? 5.469   3.472   2.222   1.00 0.63 ? 4  DA A C2     1 
ATOM   114 N N3     . DA A 1 4  ? 4.521   4.399   2.139   1.00 0.64 ? 4  DA A N3     1 
ATOM   115 C C4     . DA A 1 4  ? 3.652   4.310   3.165   1.00 0.60 ? 4  DA A C4     1 
ATOM   116 H "H5'"  . DA A 1 4  ? 0.831   9.355   4.670   1.00 0.78 ? 4  DA A "H5'"  1 
ATOM   117 H "H5''" . DA A 1 4  ? -0.637  9.323   3.680   1.00 0.85 ? 4  DA A "H5''" 1 
ATOM   118 H "H4'"  . DA A 1 4  ? 1.420   9.226   2.319   1.00 0.85 ? 4  DA A "H4'"  1 
ATOM   119 H "H3'"  . DA A 1 4  ? -0.831  7.606   2.094   1.00 0.79 ? 4  DA A "H3'"  1 
ATOM   120 H "H2'"  . DA A 1 4  ? 0.087   5.603   2.717   1.00 0.68 ? 4  DA A "H2'"  1 
ATOM   121 H "H2''" . DA A 1 4  ? 0.700   5.572   1.043   1.00 0.73 ? 4  DA A "H2''" 1 
ATOM   122 H "H1'"  . DA A 1 4  ? 2.787   6.281   1.634   1.00 0.72 ? 4  DA A "H1'"  1 
ATOM   123 H H8     . DA A 1 4  ? 1.127   5.078   4.963   1.00 0.59 ? 4  DA A H8     1 
ATOM   124 H H61    . DA A 1 4  ? 5.667   0.867   5.033   1.00 0.54 ? 4  DA A H61    1 
ATOM   125 H H62    . DA A 1 4  ? 4.229   1.421   5.864   1.00 0.52 ? 4  DA A H62    1 
ATOM   126 H H2     . DA A 1 4  ? 6.221   3.475   1.430   1.00 0.68 ? 4  DA A H2     1 
ATOM   127 P P      . DC A 1 5  ? -0.167  7.091   -0.768  1.00 0.88 ? 5  DC A P      1 
ATOM   128 O OP1    . DC A 1 5  ? -0.754  8.059   -1.769  1.00 1.36 ? 5  DC A OP1    1 
ATOM   129 O OP2    . DC A 1 5  ? -0.956  5.941   -0.181  1.00 1.74 ? 5  DC A OP2    1 
ATOM   130 O "O5'"  . DC A 1 5  ? 1.156   6.479   -1.448  1.00 0.86 ? 5  DC A "O5'"  1 
ATOM   131 C "C5'"  . DC A 1 5  ? 1.885   7.222   -2.396  1.00 0.92 ? 5  DC A "C5'"  1 
ATOM   132 C "C4'"  . DC A 1 5  ? 2.561   6.304   -3.411  1.00 0.88 ? 5  DC A "C4'"  1 
ATOM   133 O "O4'"  . DC A 1 5  ? 3.464   5.410   -2.738  1.00 0.83 ? 5  DC A "O4'"  1 
ATOM   134 C "C3'"  . DC A 1 5  ? 1.525   5.451   -4.152  1.00 0.84 ? 5  DC A "C3'"  1 
ATOM   135 O "O3'"  . DC A 1 5  ? 1.787   5.468   -5.562  1.00 0.87 ? 5  DC A "O3'"  1 
ATOM   136 C "C2'"  . DC A 1 5  ? 1.668   4.068   -3.576  1.00 0.76 ? 5  DC A "C2'"  1 
ATOM   137 C "C1'"  . DC A 1 5  ? 3.028   4.038   -2.908  1.00 0.75 ? 5  DC A "C1'"  1 
ATOM   138 N N1     . DC A 1 5  ? 2.948   3.358   -1.619  1.00 0.70 ? 5  DC A N1     1 
ATOM   139 C C2     . DC A 1 5  ? 3.657   2.180   -1.478  1.00 0.65 ? 5  DC A C2     1 
ATOM   140 O O2     . DC A 1 5  ? 4.327   1.737   -2.410  1.00 0.66 ? 5  DC A O2     1 
ATOM   141 N N3     . DC A 1 5  ? 3.599   1.539   -0.290  1.00 0.62 ? 5  DC A N3     1 
ATOM   142 C C4     . DC A 1 5  ? 2.873   2.031   0.716   1.00 0.62 ? 5  DC A C4     1 
ATOM   143 N N4     . DC A 1 5  ? 2.867   1.393   1.872   1.00 0.59 ? 5  DC A N4     1 
ATOM   144 C C5     . DC A 1 5  ? 2.118   3.234   0.568   1.00 0.67 ? 5  DC A C5     1 
ATOM   145 C C6     . DC A 1 5  ? 2.185   3.865   -0.611  1.00 0.72 ? 5  DC A C6     1 
ATOM   146 H "H5'"  . DC A 1 5  ? 2.637   7.809   -1.863  1.00 0.96 ? 5  DC A "H5'"  1 
ATOM   147 H "H5''" . DC A 1 5  ? 1.207   7.900   -2.910  1.00 0.98 ? 5  DC A "H5''" 1 
ATOM   148 H "H4'"  . DC A 1 5  ? 3.128   6.912   -4.126  1.00 0.93 ? 5  DC A "H4'"  1 
ATOM   149 H "H3'"  . DC A 1 5  ? 0.520   5.819   -3.950  1.00 0.87 ? 5  DC A "H3'"  1 
ATOM   150 H "H2'"  . DC A 1 5  ? 0.885   3.899   -2.827  1.00 0.74 ? 5  DC A "H2'"  1 
ATOM   151 H "H2''" . DC A 1 5  ? 1.609   3.309   -4.351  1.00 0.74 ? 5  DC A "H2''" 1 
ATOM   152 H "H1'"  . DC A 1 5  ? 3.744   3.526   -3.543  1.00 0.75 ? 5  DC A "H1'"  1 
ATOM   153 H H41    . DC A 1 5  ? 3.401   0.544   1.976   1.00 0.57 ? 5  DC A H41    1 
ATOM   154 H H42    . DC A 1 5  ? 2.362   1.774   2.655   1.00 0.60 ? 5  DC A H42    1 
ATOM   155 H H5     . DC A 1 5  ? 1.505   3.619   1.384   1.00 0.69 ? 5  DC A H5     1 
ATOM   156 H H6     . DC A 1 5  ? 1.636   4.796   -0.758  1.00 0.78 ? 5  DC A H6     1 
HETATM 157 P P      . R  A 1 6  ? 1.052   4.518   -6.625  1.00 0.85 ? 6  R  A P      1 
HETATM 158 O OP1    . R  A 1 6  ? 1.408   5.055   -7.984  1.00 1.93 ? 6  R  A OP1    1 
HETATM 159 O OP2    . R  A 1 6  ? -0.380  4.338   -6.205  1.00 1.04 ? 6  R  A OP2    1 
HETATM 160 O "O5'"  . R  A 1 6  ? 1.828   3.107   -6.394  1.00 0.78 ? 6  R  A "O5'"  1 
HETATM 161 C "C5'"  . R  A 1 6  ? 3.217   2.952   -6.765  1.00 0.86 ? 6  R  A "C5'"  1 
HETATM 162 C "C4'"  . R  A 1 6  ? 3.596   1.463   -6.904  1.00 0.71 ? 6  R  A "C4'"  1 
HETATM 163 O "O4'"  . R  A 1 6  ? 3.584   0.834   -5.604  1.00 0.64 ? 6  R  A "O4'"  1 
HETATM 164 C "C3'"  . R  A 1 6  ? 2.617   0.696   -7.804  1.00 0.68 ? 6  R  A "C3'"  1 
HETATM 165 O "O3'"  . R  A 1 6  ? 3.314   0.112   -8.919  1.00 0.70 ? 6  R  A "O3'"  1 
HETATM 166 C "C2'"  . R  A 1 6  ? 2.000   -0.365  -6.917  1.00 0.63 ? 6  R  A "C2'"  1 
HETATM 167 C "C1'"  . R  A 1 6  ? 2.824   -0.391  -5.645  1.00 0.60 ? 6  R  A "C1'"  1 
HETATM 168 N N9     . R  A 1 6  ? 2.006   -0.520  -4.413  1.00 0.59 ? 6  R  A N9     1 
HETATM 169 C C8     . R  A 1 6  ? 0.967   0.236   -3.980  1.00 0.62 ? 6  R  A C8     1 
HETATM 170 N N7     . R  A 1 6  ? 0.551   0.051   -2.773  1.00 0.61 ? 6  R  A N7     1 
HETATM 171 C C5     . R  A 1 6  ? 1.403   -0.963  -2.325  1.00 0.57 ? 6  R  A C5     1 
HETATM 172 C C6     . R  A 1 6  ? 1.506   -1.643  -1.100  1.00 0.55 ? 6  R  A C6     1 
HETATM 173 N N6     . R  A 1 6  ? 0.819   -1.257  0.015   1.00 0.57 ? 6  R  A N6     1 
HETATM 174 N N1     . R  A 1 6  ? 2.467   -2.620  -1.022  1.00 0.54 ? 6  R  A N1     1 
HETATM 175 C C2     . R  A 1 6  ? 3.253   -2.880  -2.065  1.00 0.53 ? 6  R  A C2     1 
HETATM 176 N N3     . R  A 1 6  ? 3.239   -2.282  -3.252  1.00 0.54 ? 6  R  A N3     1 
HETATM 177 C C4     . R  A 1 6  ? 2.285   -1.330  -3.321  1.00 0.56 ? 6  R  A C4     1 
HETATM 178 C CA     . R  A 1 6  ? 0.000   0.000   0.000   1.00 0.60 ? 6  R  A CA     1 
HETATM 179 C CB     . R  A 1 6  ? -1.436  -0.305  -0.435  1.00 0.61 ? 6  R  A CB     1 
HETATM 180 O OB     . R  A 1 6  ? -1.521  -1.646  -0.877  1.00 0.58 ? 6  R  A OB     1 
HETATM 181 C CJ     . R  A 1 6  ? -0.023  0.633   1.381   1.00 0.61 ? 6  R  A CJ     1 
HETATM 182 C CO     . R  A 1 6  ? 0.566   -0.021  2.472   1.00 0.59 ? 6  R  A CO     1 
HETATM 183 C "CO'"  . R  A 1 6  ? -0.580  1.910   1.557   1.00 0.66 ? 6  R  A "CO'"  1 
HETATM 184 C CM     . R  A 1 6  ? 0.546   0.570   3.742   1.00 0.61 ? 6  R  A CM     1 
HETATM 185 C "CM'"  . R  A 1 6  ? -0.592  2.504   2.826   1.00 0.68 ? 6  R  A "CM'"  1 
HETATM 186 C CP     . R  A 1 6  ? -0.012  1.842   3.914   1.00 0.65 ? 6  R  A CP     1 
HETATM 187 H "H5'"  . R  A 1 6  ? 3.860   3.407   -5.993  1.00 1.07 ? 6  R  A "H5'"  1 
HETATM 188 H "H5''" . R  A 1 6  ? 3.403   3.468   -7.708  1.00 1.24 ? 6  R  A "H5''" 1 
HETATM 189 H "H4'"  . R  A 1 6  ? 4.603   1.376   -7.324  1.00 0.74 ? 6  R  A "H4'"  1 
HETATM 190 H "H3'"  . R  A 1 6  ? 1.829   1.372   -8.166  1.00 0.72 ? 6  R  A "H3'"  1 
HETATM 191 H "H2'"  . R  A 1 6  ? 0.960   -0.108  -6.691  1.00 0.65 ? 6  R  A "H2'"  1 
HETATM 192 H "H2''" . R  A 1 6  ? 2.040   -1.332  -7.412  1.00 0.60 ? 6  R  A "H2''" 1 
HETATM 193 H "H1'"  . R  A 1 6  ? 3.524   -1.227  -5.695  1.00 0.58 ? 6  R  A "H1'"  1 
HETATM 194 H H8     . R  A 1 6  ? 0.477   0.952   -4.640  1.00 0.66 ? 6  R  A H8     1 
HETATM 195 H H6     . R  A 1 6  ? 0.915   -1.785  0.872   1.00 0.56 ? 6  R  A H6     1 
HETATM 196 H H2     . R  A 1 6  ? 3.986   -3.677  -1.932  1.00 0.54 ? 6  R  A H2     1 
HETATM 197 H HA     . R  A 1 6  ? 0.437   0.693   -0.703  1.00 0.63 ? 6  R  A HA     1 
HETATM 198 H HB1    . R  A 1 6  ? -1.714  0.366   -1.237  1.00 0.65 ? 6  R  A HB1    1 
HETATM 199 H HB2    . R  A 1 6  ? -2.106  -0.166  0.395   1.00 0.62 ? 6  R  A HB2    1 
HETATM 200 H HB     . R  A 1 6  ? -1.103  -2.204  -0.216  1.00 0.56 ? 6  R  A HB     1 
HETATM 201 H HO     . R  A 1 6  ? 1.008   -0.996  2.340   1.00 0.56 ? 6  R  A HO     1 
HETATM 202 H "HO'"  . R  A 1 6  ? -1.026  2.424   0.718   1.00 0.69 ? 6  R  A "HO'"  1 
HETATM 203 H HM     . R  A 1 6  ? 0.993   0.059   4.581   1.00 0.60 ? 6  R  A HM     1 
HETATM 204 H "HM'"  . R  A 1 6  ? -1.027  3.483   2.961   1.00 0.72 ? 6  R  A "HM'"  1 
HETATM 205 H HP     . R  A 1 6  ? -0.019  2.301   4.892   1.00 0.68 ? 6  R  A HP     1 
ATOM   206 P P      . DA A 1 7  ? 2.735   -1.124  -9.791  1.00 1.25 ? 7  DA A P      1 
ATOM   207 O OP1    . DA A 1 7  ? 3.558   -1.273  -11.002 1.00 1.98 ? 7  DA A OP1    1 
ATOM   208 O OP2    . DA A 1 7  ? 1.250   -0.988  -9.891  1.00 2.30 ? 7  DA A OP2    1 
ATOM   209 O "O5'"  . DA A 1 7  ? 3.056   -2.407  -8.855  1.00 0.97 ? 7  DA A "O5'"  1 
ATOM   210 C "C5'"  . DA A 1 7  ? 4.352   -3.005  -8.920  1.00 0.98 ? 7  DA A "C5'"  1 
ATOM   211 C "C4'"  . DA A 1 7  ? 4.358   -4.423  -8.361  1.00 0.82 ? 7  DA A "C4'"  1 
ATOM   212 O "O4'"  . DA A 1 7  ? 3.966   -4.473  -6.975  1.00 0.76 ? 7  DA A "O4'"  1 
ATOM   213 C "C3'"  . DA A 1 7  ? 3.431   -5.295  -9.144  1.00 0.69 ? 7  DA A "C3'"  1 
ATOM   214 O "O3'"  . DA A 1 7  ? 4.129   -6.416  -9.707  1.00 0.73 ? 7  DA A "O3'"  1 
ATOM   215 C "C2'"  . DA A 1 7  ? 2.357   -5.745  -8.173  1.00 0.59 ? 7  DA A "C2'"  1 
ATOM   216 C "C1'"  . DA A 1 7  ? 2.831   -5.334  -6.793  1.00 0.62 ? 7  DA A "C1'"  1 
ATOM   217 N N9     . DA A 1 7  ? 1.793   -4.632  -5.973  1.00 0.56 ? 7  DA A N9     1 
ATOM   218 C C8     . DA A 1 7  ? 0.887   -3.679  -6.314  1.00 0.53 ? 7  DA A C8     1 
ATOM   219 N N7     . DA A 1 7  ? 0.109   -3.227  -5.387  1.00 0.52 ? 7  DA A N7     1 
ATOM   220 C C5     . DA A 1 7  ? 0.536   -3.958  -4.283  1.00 0.54 ? 7  DA A C5     1 
ATOM   221 C C6     . DA A 1 7  ? 0.133   -3.971  -2.928  1.00 0.57 ? 7  DA A C6     1 
ATOM   222 N N6     . DA A 1 7  ? -0.888  -3.260  -2.469  1.00 0.58 ? 7  DA A N6     1 
ATOM   223 N N1     . DA A 1 7  ? 0.781   -4.802  -2.104  1.00 0.59 ? 7  DA A N1     1 
ATOM   224 C C2     . DA A 1 7  ? 1.757   -5.591  -2.538  1.00 0.60 ? 7  DA A C2     1 
ATOM   225 N N3     . DA A 1 7  ? 2.212   -5.662  -3.783  1.00 0.60 ? 7  DA A N3     1 
ATOM   226 C C4     . DA A 1 7  ? 1.557   -4.819  -4.623  1.00 0.56 ? 7  DA A C4     1 
ATOM   227 H "H5'"  . DA A 1 7  ? 5.048   -2.392  -8.353  1.00 1.13 ? 7  DA A "H5'"  1 
ATOM   228 H "H5''" . DA A 1 7  ? 4.678   -3.045  -9.962  1.00 1.05 ? 7  DA A "H5''" 1 
ATOM   229 H "H4'"  . DA A 1 7  ? 5.353   -4.830  -8.448  1.00 0.93 ? 7  DA A "H4'"  1 
ATOM   230 H "H3'"  . DA A 1 7  ? 2.975   -4.698  -9.944  1.00 0.76 ? 7  DA A "H3'"  1 
ATOM   231 H "H2'"  . DA A 1 7  ? 1.419   -5.280  -8.413  1.00 0.57 ? 7  DA A "H2'"  1 
ATOM   232 H "H2''" . DA A 1 7  ? 2.252   -6.836  -8.211  1.00 0.59 ? 7  DA A "H2''" 1 
ATOM   233 H "H1'"  . DA A 1 7  ? 3.145   -6.249  -6.277  1.00 0.65 ? 7  DA A "H1'"  1 
ATOM   234 H H8     . DA A 1 7  ? 0.823   -3.297  -7.342  1.00 0.53 ? 7  DA A H8     1 
ATOM   235 H H61    . DA A 1 7  ? -1.121  -3.282  -1.495  1.00 1.17 ? 7  DA A H61    1 
ATOM   236 H H62    . DA A 1 7  ? -1.457  -2.708  -3.112  1.00 0.93 ? 7  DA A H62    1 
ATOM   237 H H2     . DA A 1 7  ? 2.238   -6.238  -1.804  1.00 0.64 ? 7  DA A H2     1 
ATOM   238 P P      . DG A 1 8  ? 3.261   -7.715  -10.123 1.00 0.75 ? 8  DG A P      1 
ATOM   239 O OP1    . DG A 1 8  ? 4.052   -8.588  -11.005 1.00 1.56 ? 8  DG A OP1    1 
ATOM   240 O OP2    . DG A 1 8  ? 1.932   -7.235  -10.554 1.00 1.45 ? 8  DG A OP2    1 
ATOM   241 O "O5'"  . DG A 1 8  ? 3.090   -8.473  -8.721  1.00 0.74 ? 8  DG A "O5'"  1 
ATOM   242 C "C5'"  . DG A 1 8  ? 4.249   -9.058  -8.166  1.00 0.84 ? 8  DG A "C5'"  1 
ATOM   243 C "C4'"  . DG A 1 8  ? 3.893   -10.020 -7.055  1.00 0.84 ? 8  DG A "C4'"  1 
ATOM   244 O "O4'"  . DG A 1 8  ? 3.253   -9.316  -5.968  1.00 0.75 ? 8  DG A "O4'"  1 
ATOM   245 C "C3'"  . DG A 1 8  ? 2.928   -11.082 -7.566  1.00 0.86 ? 8  DG A "C3'"  1 
ATOM   246 O "O3'"  . DG A 1 8  ? 3.448   -12.389 -7.308  1.00 0.98 ? 8  DG A "O3'"  1 
ATOM   247 C "C2'"  . DG A 1 8  ? 1.632   -10.836 -6.835  1.00 0.73 ? 8  DG A "C2'"  1 
ATOM   248 C "C1'"  . DG A 1 8  ? 1.959   -9.887  -5.700  1.00 0.67 ? 8  DG A "C1'"  1 
ATOM   249 N N9     . DG A 1 8  ? 0.932   -8.837  -5.560  1.00 0.54 ? 8  DG A N9     1 
ATOM   250 C C8     . DG A 1 8  ? 0.462   -7.955  -6.478  1.00 0.49 ? 8  DG A C8     1 
ATOM   251 N N7     . DG A 1 8  ? -0.425  -7.102  -6.095  1.00 0.40 ? 8  DG A N7     1 
ATOM   252 C C5     . DG A 1 8  ? -0.584  -7.444  -4.749  1.00 0.39 ? 8  DG A C5     1 
ATOM   253 C C6     . DG A 1 8  ? -1.430  -6.875  -3.760  1.00 0.35 ? 8  DG A C6     1 
ATOM   254 O O6     . DG A 1 8  ? -2.210  -5.932  -3.874  1.00 0.33 ? 8  DG A O6     1 
ATOM   255 N N1     . DG A 1 8  ? -1.289  -7.516  -2.536  1.00 0.39 ? 8  DG A N1     1 
ATOM   256 C C2     . DG A 1 8  ? -0.441  -8.576  -2.286  1.00 0.46 ? 8  DG A C2     1 
ATOM   257 N N2     . DG A 1 8  ? -0.465  -9.071  -1.048  1.00 0.51 ? 8  DG A N2     1 
ATOM   258 N N3     . DG A 1 8  ? 0.362   -9.115  -3.211  1.00 0.51 ? 8  DG A N3     1 
ATOM   259 C C4     . DG A 1 8  ? 0.241   -8.509  -4.412  1.00 0.47 ? 8  DG A C4     1 
ATOM   260 H "H5'"  . DG A 1 8  ? 4.895   -8.269  -7.781  1.00 0.85 ? 8  DG A "H5'"  1 
ATOM   261 H "H5''" . DG A 1 8  ? 4.769   -9.592  -8.963  1.00 0.93 ? 8  DG A "H5''" 1 
ATOM   262 H "H4'"  . DG A 1 8  ? 4.802   -10.494 -6.695  1.00 0.93 ? 8  DG A "H4'"  1 
ATOM   263 H "H3'"  . DG A 1 8  ? 2.774   -10.953 -8.641  1.00 0.88 ? 8  DG A "H3'"  1 
ATOM   264 H "H2'"  . DG A 1 8  ? 0.911   -10.379 -7.509  1.00 0.68 ? 8  DG A "H2'"  1 
ATOM   265 H "H2''" . DG A 1 8  ? 1.235   -11.768 -6.437  1.00 0.75 ? 8  DG A "H2''" 1 
ATOM   266 H "H1'"  . DG A 1 8  ? 2.015   -10.456 -4.770  1.00 0.69 ? 8  DG A "H1'"  1 
ATOM   267 H H8     . DG A 1 8  ? 0.813   -7.976  -7.512  1.00 0.54 ? 8  DG A H8     1 
ATOM   268 H H1     . DG A 1 8  ? -1.866  -7.162  -1.787  1.00 0.40 ? 8  DG A H1     1 
ATOM   269 H H21    . DG A 1 8  ? -1.073  -8.660  -0.352  1.00 0.50 ? 8  DG A H21    1 
ATOM   270 H H22    . DG A 1 8  ? 0.119   -9.857  -0.808  1.00 0.57 ? 8  DG A H22    1 
ATOM   271 P P      . DA A 1 9  ? 2.497   -13.702 -7.234  1.00 1.11 ? 9  DA A P      1 
ATOM   272 O OP1    . DA A 1 9  ? 3.365   -14.898 -7.262  1.00 1.98 ? 9  DA A OP1    1 
ATOM   273 O OP2    . DA A 1 9  ? 1.419   -13.555 -8.238  1.00 1.67 ? 9  DA A OP2    1 
ATOM   274 O "O5'"  . DA A 1 9  ? 1.833   -13.592 -5.764  1.00 0.98 ? 9  DA A "O5'"  1 
ATOM   275 C "C5'"  . DA A 1 9  ? 2.652   -13.577 -4.593  1.00 0.99 ? 9  DA A "C5'"  1 
ATOM   276 C "C4'"  . DA A 1 9  ? 1.828   -13.701 -3.302  1.00 0.84 ? 9  DA A "C4'"  1 
ATOM   277 O "O4'"  . DA A 1 9  ? 0.974   -12.544 -3.137  1.00 0.77 ? 9  DA A "O4'"  1 
ATOM   278 C "C3'"  . DA A 1 9  ? 0.940   -14.951 -3.302  1.00 0.79 ? 9  DA A "C3'"  1 
ATOM   279 O "O3'"  . DA A 1 9  ? 1.237   -15.789 -2.164  1.00 0.79 ? 9  DA A "O3'"  1 
ATOM   280 C "C2'"  . DA A 1 9  ? -0.488  -14.430 -3.257  1.00 0.72 ? 9  DA A "C2'"  1 
ATOM   281 C "C1'"  . DA A 1 9  ? -0.403  -12.938 -2.945  1.00 0.67 ? 9  DA A "C1'"  1 
ATOM   282 N N9     . DA A 1 9  ? -1.301  -12.095 -3.790  1.00 0.60 ? 9  DA A N9     1 
ATOM   283 C C8     . DA A 1 9  ? -1.322  -11.919 -5.139  1.00 0.63 ? 9  DA A C8     1 
ATOM   284 N N7     . DA A 1 9  ? -2.098  -10.996 -5.614  1.00 0.60 ? 9  DA A N7     1 
ATOM   285 C C5     . DA A 1 9  ? -2.680  -10.482 -4.452  1.00 0.55 ? 9  DA A C5     1 
ATOM   286 C C6     . DA A 1 9  ? -3.614  -9.456  -4.227  1.00 0.54 ? 9  DA A C6     1 
ATOM   287 N N6     . DA A 1 9  ? -4.126  -8.699  -5.202  1.00 0.58 ? 9  DA A N6     1 
ATOM   288 N N1     . DA A 1 9  ? -3.973  -9.218  -2.955  1.00 0.53 ? 9  DA A N1     1 
ATOM   289 C C2     . DA A 1 9  ? -3.451  -9.933  -1.959  1.00 0.53 ? 9  DA A C2     1 
ATOM   290 N N3     . DA A 1 9  ? -2.560  -10.918 -2.053  1.00 0.54 ? 9  DA A N3     1 
ATOM   291 C C4     . DA A 1 9  ? -2.209  -11.147 -3.337  1.00 0.55 ? 9  DA A C4     1 
ATOM   292 H "H5'"  . DA A 1 9  ? 3.204   -12.636 -4.566  1.00 1.06 ? 9  DA A "H5'"  1 
ATOM   293 H "H5''" . DA A 1 9  ? 3.365   -14.400 -4.646  1.00 1.09 ? 9  DA A "H5''" 1 
ATOM   294 H "H4'"  . DA A 1 9  ? 2.510   -13.754 -2.454  1.00 0.91 ? 9  DA A "H4'"  1 
ATOM   295 H "H3'"  . DA A 1 9  ? 1.093   -15.516 -4.222  1.00 0.87 ? 9  DA A "H3'"  1 
ATOM   296 H "H2'"  . DA A 1 9  ? -0.970  -14.589 -4.222  1.00 0.74 ? 9  DA A "H2'"  1 
ATOM   297 H "H2''" . DA A 1 9  ? -1.054  -14.935 -2.474  1.00 0.75 ? 9  DA A "H2''" 1 
ATOM   298 H "H1'"  . DA A 1 9  ? -0.660  -12.786 -1.899  1.00 0.68 ? 9  DA A "H1'"  1 
ATOM   299 H H8     . DA A 1 9  ? -0.718  -12.539 -5.800  1.00 0.69 ? 9  DA A H8     1 
ATOM   300 H H61    . DA A 1 9  ? -4.796  -7.973  -4.980  1.00 0.61 ? 9  DA A H61    1 
ATOM   301 H H62    . DA A 1 9  ? -3.842  -8.845  -6.160  1.00 0.62 ? 9  DA A H62    1 
ATOM   302 H H2     . DA A 1 9  ? -3.798  -9.687  -0.953  1.00 0.56 ? 9  DA A H2     1 
ATOM   303 P P      . DA A 1 10 ? 0.181   -16.884 -1.600  1.00 1.61 ? 10 DA A P      1 
ATOM   304 O OP1    . DA A 1 10 ? 0.782   -17.599 -0.448  1.00 2.61 ? 10 DA A OP1    1 
ATOM   305 O OP2    . DA A 1 10 ? -0.338  -17.666 -2.749  1.00 2.37 ? 10 DA A OP2    1 
ATOM   306 O "O5'"  . DA A 1 10 ? -1.027  -15.954 -1.062  1.00 1.33 ? 10 DA A "O5'"  1 
ATOM   307 C "C5'"  . DA A 1 10 ? -1.058  -15.452 0.282   1.00 1.37 ? 10 DA A "C5'"  1 
ATOM   308 C "C4'"  . DA A 1 10 ? -2.504  -15.355 0.756   1.00 1.15 ? 10 DA A "C4'"  1 
ATOM   309 O "O4'"  . DA A 1 10 ? -3.166  -14.232 0.125   1.00 0.93 ? 10 DA A "O4'"  1 
ATOM   310 C "C3'"  . DA A 1 10 ? -3.273  -16.624 0.385   1.00 1.14 ? 10 DA A "C3'"  1 
ATOM   311 O "O3'"  . DA A 1 10 ? -3.711  -17.322 1.564   1.00 1.25 ? 10 DA A "O3'"  1 
ATOM   312 C "C2'"  . DA A 1 10 ? -4.438  -16.168 -0.467  1.00 0.95 ? 10 DA A "C2'"  1 
ATOM   313 C "C1'"  . DA A 1 10 ? -4.401  -14.646 -0.486  1.00 0.80 ? 10 DA A "C1'"  1 
ATOM   314 N N9     . DA A 1 10 ? -4.511  -14.110 -1.867  1.00 0.63 ? 10 DA A N9     1 
ATOM   315 C C8     . DA A 1 10 ? -3.946  -14.545 -3.023  1.00 0.62 ? 10 DA A C8     1 
ATOM   316 N N7     . DA A 1 10 ? -4.194  -13.877 -4.102  1.00 0.55 ? 10 DA A N7     1 
ATOM   317 C C5     . DA A 1 10 ? -5.031  -12.866 -3.622  1.00 0.48 ? 10 DA A C5     1 
ATOM   318 C C6     . DA A 1 10 ? -5.675  -11.792 -4.248  1.00 0.47 ? 10 DA A C6     1 
ATOM   319 N N6     . DA A 1 10 ? -5.567  -11.533 -5.554  1.00 0.56 ? 10 DA A N6     1 
ATOM   320 N N1     . DA A 1 10 ? -6.428  -10.990 -3.479  1.00 0.45 ? 10 DA A N1     1 
ATOM   321 C C2     . DA A 1 10 ? -6.547  -11.222 -2.170  1.00 0.47 ? 10 DA A C2     1 
ATOM   322 N N3     . DA A 1 10 ? -5.983  -12.205 -1.475  1.00 0.53 ? 10 DA A N3     1 
ATOM   323 C C4     . DA A 1 10 ? -5.232  -12.999 -2.266  1.00 0.52 ? 10 DA A C4     1 
ATOM   324 H "H5'"  . DA A 1 10 ? -0.605  -14.461 0.303   1.00 1.59 ? 10 DA A "H5'"  1 
ATOM   325 H "H5''" . DA A 1 10 ? -0.500  -16.116 0.944   1.00 1.58 ? 10 DA A "H5''" 1 
ATOM   326 H "H4'"  . DA A 1 10 ? -2.524  -15.223 1.836   1.00 1.25 ? 10 DA A "H4'"  1 
ATOM   327 H "H3'"  . DA A 1 10 ? -2.627  -17.279 -0.213  1.00 1.24 ? 10 DA A "H3'"  1 
ATOM   328 H "H2'"  . DA A 1 10 ? -4.327  -16.557 -1.476  1.00 0.92 ? 10 DA A "H2'"  1 
ATOM   329 H "H2''" . DA A 1 10 ? -5.375  -16.513 -0.033  1.00 1.02 ? 10 DA A "H2''" 1 
ATOM   330 H "H1'"  . DA A 1 10 ? -5.233  -14.266 0.106   1.00 0.79 ? 10 DA A "H1'"  1 
ATOM   331 H H8     . DA A 1 10 ? -3.308  -15.428 -3.043  1.00 0.70 ? 10 DA A H8     1 
ATOM   332 H H61    . DA A 1 10 ? -6.055  -10.743 -5.954  1.00 0.61 ? 10 DA A H61    1 
ATOM   333 H H62    . DA A 1 10 ? -4.994  -12.122 -6.140  1.00 0.61 ? 10 DA A H62    1 
ATOM   334 H H2     . DA A 1 10 ? -7.177  -10.531 -1.610  1.00 0.51 ? 10 DA A H2     1 
ATOM   335 P P      . DG A 1 11 ? -4.647  -18.640 1.461   1.00 1.71 ? 11 DG A P      1 
ATOM   336 O OP1    . DG A 1 11 ? -4.572  -19.368 2.751   1.00 2.18 ? 11 DG A OP1    1 
ATOM   337 O OP2    . DG A 1 11 ? -4.338  -19.347 0.201   1.00 2.54 ? 11 DG A OP2    1 
ATOM   338 O "O5'"  . DG A 1 11 ? -6.121  -18.006 1.337   1.00 1.54 ? 11 DG A "O5'"  1 
ATOM   339 C "C5'"  . DG A 1 11 ? -6.719  -17.375 2.471   1.00 1.52 ? 11 DG A "C5'"  1 
ATOM   340 C "C4'"  . DG A 1 11 ? -8.137  -16.895 2.172   1.00 1.37 ? 11 DG A "C4'"  1 
ATOM   341 O "O4'"  . DG A 1 11 ? -8.115  -15.838 1.185   1.00 1.16 ? 11 DG A "O4'"  1 
ATOM   342 C "C3'"  . DG A 1 11 ? -8.999  -18.033 1.639   1.00 1.49 ? 11 DG A "C3'"  1 
ATOM   343 O "O3'"  . DG A 1 11 ? -10.153 -18.237 2.470   1.00 1.62 ? 11 DG A "O3'"  1 
ATOM   344 C "C2'"  . DG A 1 11 ? -9.401  -17.622 0.245   1.00 1.35 ? 11 DG A "C2'"  1 
ATOM   345 C "C1'"  . DG A 1 11 ? -9.003  -16.159 0.096   1.00 1.12 ? 11 DG A "C1'"  1 
ATOM   346 N N9     . DG A 1 11 ? -8.356  -15.898 -1.209  1.00 0.96 ? 11 DG A N9     1 
ATOM   347 C C8     . DG A 1 11 ? -7.382  -16.590 -1.858  1.00 0.96 ? 11 DG A C8     1 
ATOM   348 N N7     . DG A 1 11 ? -7.011  -16.158 -3.018  1.00 0.86 ? 11 DG A N7     1 
ATOM   349 C C5     . DG A 1 11 ? -7.829  -15.035 -3.180  1.00 0.76 ? 11 DG A C5     1 
ATOM   350 C C6     . DG A 1 11 ? -7.909  -14.115 -4.261  1.00 0.69 ? 11 DG A C6     1 
ATOM   351 O O6     . DG A 1 11 ? -7.269  -14.110 -5.310  1.00 0.72 ? 11 DG A O6     1 
ATOM   352 N N1     . DG A 1 11 ? -8.857  -13.130 -4.020  1.00 0.68 ? 11 DG A N1     1 
ATOM   353 C C2     . DG A 1 11 ? -9.638  -13.035 -2.885  1.00 0.73 ? 11 DG A C2     1 
ATOM   354 N N2     . DG A 1 11 ? -10.482 -12.003 -2.830  1.00 0.76 ? 11 DG A N2     1 
ATOM   355 N N3     . DG A 1 11 ? -9.570  -13.896 -1.866  1.00 0.81 ? 11 DG A N3     1 
ATOM   356 C C4     . DG A 1 11 ? -8.652  -14.867 -2.076  1.00 0.82 ? 11 DG A C4     1 
ATOM   357 H "H5'"  . DG A 1 11 ? -6.109  -16.520 2.759   1.00 1.52 ? 11 DG A "H5'"  1 
ATOM   358 H "H5''" . DG A 1 11 ? -6.749  -18.085 3.295   1.00 1.71 ? 11 DG A "H5''" 1 
ATOM   359 H "H4'"  . DG A 1 11 ? -8.578  -16.514 3.091   1.00 1.42 ? 11 DG A "H4'"  1 
ATOM   360 H "H3'"  . DG A 1 11 ? -8.403  -18.949 1.598   1.00 1.64 ? 11 DG A "H3'"  1 
ATOM   361 H "HO3'" . DG A 1 11 ? -10.060 -17.644 3.230   1.00 2.06 ? 11 DG A "HO3'" 1 
ATOM   362 H "H2'"  . DG A 1 11 ? -8.870  -18.230 -0.487  1.00 1.39 ? 11 DG A "H2'"  1 
ATOM   363 H "H2''" . DG A 1 11 ? -10.477 -17.733 0.117   1.00 1.45 ? 11 DG A "H2''" 1 
ATOM   364 H "H1'"  . DG A 1 11 ? -9.899  -15.542 0.177   1.00 1.13 ? 11 DG A "H1'"  1 
ATOM   365 H H8     . DG A 1 11 ? -6.924  -17.473 -1.413  1.00 1.09 ? 11 DG A H8     1 
ATOM   366 H H1     . DG A 1 11 ? -8.973  -12.444 -4.753  1.00 0.70 ? 11 DG A H1     1 
ATOM   367 H H21    . DG A 1 11 ? -10.538 -11.356 -3.605  1.00 0.76 ? 11 DG A H21    1 
ATOM   368 H H22    . DG A 1 11 ? -11.072 -11.875 -2.020  1.00 0.83 ? 11 DG A H22    1 
ATOM   369 O "O5'"  . DC B 2 1  ? -12.948 -10.185 -10.321 1.00 1.75 ? 12 DC B "O5'"  1 
ATOM   370 C "C5'"  . DC B 2 1  ? -14.239 -10.100 -9.698  1.00 1.53 ? 12 DC B "C5'"  1 
ATOM   371 C "C4'"  . DC B 2 1  ? -14.142 -9.597  -8.251  1.00 1.38 ? 12 DC B "C4'"  1 
ATOM   372 O "O4'"  . DC B 2 1  ? -13.227 -10.443 -7.497  1.00 1.26 ? 12 DC B "O4'"  1 
ATOM   373 C "C3'"  . DC B 2 1  ? -13.588 -8.187  -8.263  1.00 1.33 ? 12 DC B "C3'"  1 
ATOM   374 O "O3'"  . DC B 2 1  ? -14.384 -7.164  -7.458  1.00 1.34 ? 12 DC B "O3'"  1 
ATOM   375 C "C2'"  . DC B 2 1  ? -12.110 -8.381  -7.874  1.00 1.16 ? 12 DC B "C2'"  1 
ATOM   376 C "C1'"  . DC B 2 1  ? -12.051 -9.688  -7.117  1.00 1.11 ? 12 DC B "C1'"  1 
ATOM   377 N N1     . DC B 2 1  ? -10.805 -10.451 -7.379  1.00 1.04 ? 12 DC B N1     1 
ATOM   378 C C2     . DC B 2 1  ? -10.128 -10.927 -6.270  1.00 0.91 ? 12 DC B C2     1 
ATOM   379 O O2     . DC B 2 1  ? -10.549 -10.690 -5.139  1.00 0.86 ? 12 DC B O2     1 
ATOM   380 N N3     . DC B 2 1  ? -8.991  -11.643 -6.461  1.00 0.86 ? 12 DC B N3     1 
ATOM   381 C C4     . DC B 2 1  ? -8.531  -11.889 -7.691  1.00 0.95 ? 12 DC B C4     1 
ATOM   382 N N4     . DC B 2 1  ? -7.422  -12.612 -7.831  1.00 0.94 ? 12 DC B N4     1 
ATOM   383 C C5     . DC B 2 1  ? -9.221  -11.398 -8.848  1.00 1.09 ? 12 DC B C5     1 
ATOM   384 C C6     . DC B 2 1  ? -10.351 -10.688 -8.648  1.00 1.13 ? 12 DC B C6     1 
ATOM   385 H "H5'"  . DC B 2 1  ? -14.703 -11.083 -9.718  1.00 1.61 ? 12 DC B "H5'"  1 
ATOM   386 H "H5''" . DC B 2 1  ? -14.853 -9.401  -10.264 1.00 1.92 ? 12 DC B "H5''" 1 
ATOM   387 H "H4'"  . DC B 2 1  ? -15.120 -9.597  -7.784  1.00 1.42 ? 12 DC B "H4'"  1 
ATOM   388 H "H3'"  . DC B 2 1  ? -13.566 -7.834  -9.305  1.00 1.44 ? 12 DC B "H3'"  1 
ATOM   389 H "H2'"  . DC B 2 1  ? -11.493 -8.459  -8.790  1.00 1.18 ? 12 DC B "H2'"  1 
ATOM   390 H "H2''" . DC B 2 1  ? -11.749 -7.571  -7.259  1.00 1.09 ? 12 DC B "H2''" 1 
ATOM   391 H "H1'"  . DC B 2 1  ? -12.101 -9.465  -6.056  1.00 1.04 ? 12 DC B "H1'"  1 
ATOM   392 H H41    . DC B 2 1  ? -6.941  -12.957 -7.012  1.00 0.85 ? 12 DC B H41    1 
ATOM   393 H H42    . DC B 2 1  ? -7.060  -12.814 -8.752  1.00 1.03 ? 12 DC B H42    1 
ATOM   394 H H5     . DC B 2 1  ? -8.846  -11.595 -9.854  1.00 1.18 ? 12 DC B H5     1 
ATOM   395 H H6     . DC B 2 1  ? -10.899 -10.293 -9.503  1.00 1.24 ? 12 DC B H6     1 
ATOM   396 H "HO5'" . DC B 2 1  ? -12.666 -9.282  -10.521 1.00 2.17 ? 12 DC B "HO5'" 1 
ATOM   397 P P      . DT B 2 2  ? -13.633 -5.732  -7.636  1.00 1.32 ? 13 DT B P      1 
ATOM   398 O OP1    . DT B 2 2  ? -13.871 -4.406  -6.792  1.00 2.32 ? 13 DT B OP1    1 
ATOM   399 O OP2    . DT B 2 2  ? -12.825 -5.823  -8.901  1.00 1.25 ? 13 DT B OP2    1 
ATOM   400 O "O5'"  . DT B 2 2  ? -13.015 -6.298  -6.331  1.00 1.26 ? 13 DT B "O5'"  1 
ATOM   401 C "C5'"  . DT B 2 2  ? -13.964 -6.192  -5.127  1.00 1.11 ? 13 DT B "C5'"  1 
ATOM   402 C "C4'"  . DT B 2 2  ? -13.261 -6.353  -3.809  1.00 1.04 ? 13 DT B "C4'"  1 
ATOM   403 O "O4'"  . DT B 2 2  ? -12.251 -7.389  -3.867  1.00 1.00 ? 13 DT B "O4'"  1 
ATOM   404 C "C3'"  . DT B 2 2  ? -12.564 -5.060  -3.511  1.00 1.02 ? 13 DT B "C3'"  1 
ATOM   405 O "O3'"  . DT B 2 2  ? -12.838 -4.573  -2.349  1.00 1.09 ? 13 DT B "O3'"  1 
ATOM   406 C "C2'"  . DT B 2 2  ? -11.086 -5.365  -3.547  1.00 0.90 ? 13 DT B "C2'"  1 
ATOM   407 C "C1'"  . DT B 2 2  ? -10.968 -6.885  -3.437  1.00 0.86 ? 13 DT B "C1'"  1 
ATOM   408 N N1     . DT B 2 2  ? -9.869  -7.484  -4.270  1.00 0.78 ? 13 DT B N1     1 
ATOM   409 C C2     . DT B 2 2  ? -9.039  -8.429  -3.665  1.00 0.67 ? 13 DT B C2     1 
ATOM   410 O O2     . DT B 2 2  ? -9.159  -8.734  -2.479  1.00 0.64 ? 13 DT B O2     1 
ATOM   411 N N3     . DT B 2 2  ? -8.080  -9.036  -4.464  1.00 0.63 ? 13 DT B N3     1 
ATOM   412 C C4     . DT B 2 2  ? -7.874  -8.787  -5.808  1.00 0.71 ? 13 DT B C4     1 
ATOM   413 O O4     . DT B 2 2  ? -6.980  -9.372  -6.416  1.00 0.72 ? 13 DT B O4     1 
ATOM   414 C C5     . DT B 2 2  ? -8.771  -7.799  -6.370  1.00 0.82 ? 13 DT B C5     1 
ATOM   415 C C7     . DT B 2 2  ? -8.655  -7.433  -7.842  1.00 0.94 ? 13 DT B C7     1 
ATOM   416 C C6     . DT B 2 2  ? -9.714  -7.191  -5.608  1.00 0.84 ? 13 DT B C6     1 
ATOM   417 H "H5'"  . DT B 2 2  ? -14.743 -6.937  -5.148  1.00 1.25 ? 13 DT B "H5'"  1 
ATOM   418 H "H5''" . DT B 2 2  ? -14.469 -5.187  -5.133  1.00 1.28 ? 13 DT B "H5''" 1 
ATOM   419 H "H4'"  . DT B 2 2  ? -13.991 -6.613  -3.005  1.00 1.08 ? 13 DT B "H4'"  1 
ATOM   420 H "H3'"  . DT B 2 2  ? -12.910 -4.318  -4.206  1.00 1.08 ? 13 DT B "H3'"  1 
ATOM   421 H "H2'"  . DT B 2 2  ? -10.770 -5.053  -4.475  1.00 0.90 ? 13 DT B "H2'"  1 
ATOM   422 H "H2''" . DT B 2 2  ? -10.482 -4.870  -2.721  1.00 0.88 ? 13 DT B "H2''" 1 
ATOM   423 H "H1'"  . DT B 2 2  ? -10.800 -7.173  -2.375  1.00 0.84 ? 13 DT B "H1'"  1 
ATOM   424 H H3     . DT B 2 2  ? -7.476  -9.720  -4.026  1.00 0.55 ? 13 DT B H3     1 
ATOM   425 H H71    . DT B 2 2  ? -9.053  -6.426  -7.991  1.00 1.45 ? 13 DT B H71    1 
ATOM   426 H H72    . DT B 2 2  ? -9.231  -8.149  -8.436  1.00 1.26 ? 13 DT B H72    1 
ATOM   427 H H73    . DT B 2 2  ? -7.605  -7.463  -8.143  1.00 1.51 ? 13 DT B H73    1 
ATOM   428 H H6     . DT B 2 2  ? -10.376 -6.470  -6.071  1.00 0.93 ? 13 DT B H6     1 
ATOM   429 P P      . DT B 2 3  ? -11.976 -3.544  -1.581  1.00 1.22 ? 14 DT B P      1 
ATOM   430 O OP1    . DT B 2 3  ? -13.023 -2.843  -0.827  1.00 2.19 ? 14 DT B OP1    1 
ATOM   431 O OP2    . DT B 2 3  ? -10.971 -2.669  -2.205  1.00 1.70 ? 14 DT B OP2    1 
ATOM   432 O "O5'"  . DT B 2 3  ? -10.917 -4.333  -0.673  1.00 1.08 ? 14 DT B "O5'"  1 
ATOM   433 C "C5'"  . DT B 2 3  ? -11.456 -5.267  0.128   1.00 1.08 ? 14 DT B "C5'"  1 
ATOM   434 C "C4'"  . DT B 2 3  ? -10.540 -6.201  0.936   1.00 0.93 ? 14 DT B "C4'"  1 
ATOM   435 O "O4'"  . DT B 2 3  ? -9.668  -7.013  0.130   1.00 0.81 ? 14 DT B "O4'"  1 
ATOM   436 C "C3'"  . DT B 2 3  ? -9.672  -5.400  1.905   1.00 0.89 ? 14 DT B "C3'"  1 
ATOM   437 O "O3'"  . DT B 2 3  ? -9.495  -6.022  3.306   1.00 0.94 ? 14 DT B "O3'"  1 
ATOM   438 C "C2'"  . DT B 2 3  ? -8.373  -5.338  1.155   1.00 0.77 ? 14 DT B "C2'"  1 
ATOM   439 C "C1'"  . DT B 2 3  ? -8.320  -6.641  0.376   1.00 0.70 ? 14 DT B "C1'"  1 
ATOM   440 N N1     . DT B 2 3  ? -7.600  -6.548  -0.891  1.00 0.64 ? 14 DT B N1     1 
ATOM   441 C C2     . DT B 2 3  ? -6.679  -7.535  -1.146  1.00 0.57 ? 14 DT B C2     1 
ATOM   442 O O2     . DT B 2 3  ? -6.430  -8.425  -0.326  1.00 0.55 ? 14 DT B O2     1 
ATOM   443 N N3     . DT B 2 3  ? -6.048  -7.486  -2.363  1.00 0.56 ? 14 DT B N3     1 
ATOM   444 C C4     . DT B 2 3  ? -6.260  -6.532  -3.343  1.00 0.62 ? 14 DT B C4     1 
ATOM   445 O O4     . DT B 2 3  ? -5.645  -6.591  -4.405  1.00 0.65 ? 14 DT B O4     1 
ATOM   446 C C5     . DT B 2 3  ? -7.237  -5.530  -2.993  1.00 0.68 ? 14 DT B C5     1 
ATOM   447 C C7     . DT B 2 3  ? -7.567  -4.417  -3.984  1.00 0.76 ? 14 DT B C7     1 
ATOM   448 C C6     . DT B 2 3  ? -7.867  -5.564  -1.804  1.00 0.69 ? 14 DT B C6     1 
ATOM   449 H "H5'"  . DT B 2 3  ? -12.045 -5.847  -0.544  1.00 1.13 ? 14 DT B "H5'"  1 
ATOM   450 H "H5''" . DT B 2 3  ? -12.039 -4.735  0.883   1.00 1.20 ? 14 DT B "H5''" 1 
ATOM   451 H "H4'"  . DT B 2 3  ? -11.193 -6.846  1.508   1.00 0.99 ? 14 DT B "H4'"  1 
ATOM   452 H "H3'"  . DT B 2 3  ? -10.095 -4.392  1.980   1.00 0.97 ? 14 DT B "H3'"  1 
ATOM   453 H "H2'"  . DT B 2 3  ? -8.398  -4.488  0.473   1.00 0.78 ? 14 DT B "H2'"  1 
ATOM   454 H "H2''" . DT B 2 3  ? -7.536  -5.259  1.833   1.00 0.76 ? 14 DT B "H2''" 1 
ATOM   455 H "H1'"  . DT B 2 3  ? -7.843  -7.408  0.997   1.00 0.67 ? 14 DT B "H1'"  1 
ATOM   456 H H3     . DT B 2 3  ? -5.371  -8.204  -2.558  1.00 0.54 ? 14 DT B H3     1 
ATOM   457 H H71    . DT B 2 3  ? -6.676  -4.179  -4.566  1.00 1.19 ? 14 DT B H71    1 
ATOM   458 H H72    . DT B 2 3  ? -7.895  -3.535  -3.438  1.00 1.02 ? 14 DT B H72    1 
ATOM   459 H H73    . DT B 2 3  ? -8.360  -4.755  -4.650  1.00 1.35 ? 14 DT B H73    1 
ATOM   460 H H6     . DT B 2 3  ? -8.604  -4.794  -1.569  1.00 0.76 ? 14 DT B H6     1 
ATOM   461 P P      . DC B 2 4  ? -8.466  -5.251  4.313   1.00 1.25 ? 15 DC B P      1 
ATOM   462 O OP1    . DC B 2 4  ? -8.138  -5.859  5.613   1.00 2.09 ? 15 DC B OP1    1 
ATOM   463 O OP2    . DC B 2 4  ? -9.678  -4.346  4.239   1.00 2.09 ? 15 DC B OP2    1 
ATOM   464 O "O5'"  . DC B 2 4  ? -7.720  -6.256  3.318   1.00 0.94 ? 15 DC B "O5'"  1 
ATOM   465 C "C5'"  . DC B 2 4  ? -7.614  -7.641  3.887   1.00 0.88 ? 15 DC B "C5'"  1 
ATOM   466 C "C4'"  . DC B 2 4  ? -6.166  -8.065  3.981   1.00 0.69 ? 15 DC B "C4'"  1 
ATOM   467 O "O4'"  . DC B 2 4  ? -5.608  -8.105  2.660   1.00 0.56 ? 15 DC B "O4'"  1 
ATOM   468 C "C3'"  . DC B 2 4  ? -5.369  -7.045  4.802   1.00 0.69 ? 15 DC B "C3'"  1 
ATOM   469 O "O3'"  . DC B 2 4  ? -4.833  -7.590  6.021   1.00 0.73 ? 15 DC B "O3'"  1 
ATOM   470 C "C2'"  . DC B 2 4  ? -4.265  -6.580  3.907   1.00 0.64 ? 15 DC B "C2'"  1 
ATOM   471 C "C1'"  . DC B 2 4  ? -4.350  -7.411  2.639   1.00 0.54 ? 15 DC B "C1'"  1 
ATOM   472 N N1     . DC B 2 4  ? -4.225  -6.565  1.429   1.00 0.51 ? 15 DC B N1     1 
ATOM   473 C C2     . DC B 2 4  ? -3.314  -6.962  0.456   1.00 0.46 ? 15 DC B C2     1 
ATOM   474 O O2     . DC B 2 4  ? -2.623  -7.967  0.626   1.00 0.44 ? 15 DC B O2     1 
ATOM   475 N N3     . DC B 2 4  ? -3.213  -6.216  -0.679  1.00 0.44 ? 15 DC B N3     1 
ATOM   476 C C4     . DC B 2 4  ? -3.952  -5.109  -0.844  1.00 0.48 ? 15 DC B C4     1 
ATOM   477 N N4     . DC B 2 4  ? -3.840  -4.401  -1.969  1.00 0.48 ? 15 DC B N4     1 
ATOM   478 C C5     . DC B 2 4  ? -4.888  -4.697  0.155   1.00 0.55 ? 15 DC B C5     1 
ATOM   479 C C6     . DC B 2 4  ? -4.980  -5.438  1.274   1.00 0.56 ? 15 DC B C6     1 
ATOM   480 H "H5'"  . DC B 2 4  ? -8.162  -8.360  3.276   1.00 0.94 ? 15 DC B "H5'"  1 
ATOM   481 H "H5''" . DC B 2 4  ? -8.048  -7.670  4.913   1.00 1.02 ? 15 DC B "H5''" 1 
ATOM   482 H "H4'"  . DC B 2 4  ? -6.086  -9.061  4.440   1.00 0.77 ? 15 DC B "H4'"  1 
ATOM   483 H "H3'"  . DC B 2 4  ? -6.007  -6.195  5.048   1.00 0.79 ? 15 DC B "H3'"  1 
ATOM   484 H "H2'"  . DC B 2 4  ? -4.399  -5.524  3.675   1.00 0.69 ? 15 DC B "H2'"  1 
ATOM   485 H "H2''" . DC B 2 4  ? -3.306  -6.737  4.393   1.00 0.67 ? 15 DC B "H2''" 1 
ATOM   486 H "H1'"  . DC B 2 4  ? -3.551  -8.149  2.641   1.00 0.53 ? 15 DC B "H1'"  1 
ATOM   487 H H41    . DC B 2 4  ? -3.189  -4.690  -2.684  1.00 0.46 ? 15 DC B H41    1 
ATOM   488 H H42    . DC B 2 4  ? -4.401  -3.570  -2.099  1.00 0.53 ? 15 DC B H42    1 
ATOM   489 H H5     . DC B 2 4  ? -5.492  -3.799  0.021   1.00 0.60 ? 15 DC B H5     1 
ATOM   490 H H6     . DC B 2 4  ? -5.667  -5.139  2.060   1.00 0.63 ? 15 DC B H6     1 
ATOM   491 P P      . DT B 2 5  ? -4.036  -9.004  6.091   1.00 1.18 ? 16 DT B P      1 
ATOM   492 O OP1    . DT B 2 5  ? -5.029  -10.098 5.957   1.00 2.02 ? 16 DT B OP1    1 
ATOM   493 O OP2    . DT B 2 5  ? -3.164  -8.971  7.293   1.00 2.01 ? 16 DT B OP2    1 
ATOM   494 O "O5'"  . DT B 2 5  ? -3.065  -9.021  4.788   1.00 1.08 ? 16 DT B "O5'"  1 
ATOM   495 C "C5'"  . DT B 2 5  ? -2.401  -10.249 4.408   1.00 1.08 ? 16 DT B "C5'"  1 
ATOM   496 C "C4'"  . DT B 2 5  ? -0.919  -10.049 4.059   1.00 0.96 ? 16 DT B "C4'"  1 
ATOM   497 O "O4'"  . DT B 2 5  ? -0.779  -9.241  2.869   1.00 0.84 ? 16 DT B "O4'"  1 
ATOM   498 C "C3'"  . DT B 2 5  ? -0.145  -9.360  5.187   1.00 0.97 ? 16 DT B "C3'"  1 
ATOM   499 O "O3'"  . DT B 2 5  ? 0.948   -10.191 5.631   1.00 1.00 ? 16 DT B "O3'"  1 
ATOM   500 C "C2'"  . DT B 2 5  ? 0.351   -8.062  4.589   1.00 0.86 ? 16 DT B "C2'"  1 
ATOM   501 C "C1'"  . DT B 2 5  ? 0.213   -8.221  3.088   1.00 0.78 ? 16 DT B "C1'"  1 
ATOM   502 N N1     . DT B 2 5  ? -0.161  -6.963  2.400   1.00 0.70 ? 16 DT B N1     1 
ATOM   503 C C2     . DT B 2 5  ? 0.374   -6.757  1.140   1.00 0.67 ? 16 DT B C2     1 
ATOM   504 O O2     . DT B 2 5  ? 1.166   -7.548  0.622   1.00 0.69 ? 16 DT B O2     1 
ATOM   505 N N3     . DT B 2 5  ? -0.009  -5.604  0.492   1.00 0.63 ? 16 DT B N3     1 
ATOM   506 C C4     . DT B 2 5  ? -0.873  -4.645  0.988   1.00 0.62 ? 16 DT B C4     1 
ATOM   507 O O4     . DT B 2 5  ? -1.149  -3.662  0.314   1.00 0.62 ? 16 DT B O4     1 
ATOM   508 C C5     . DT B 2 5  ? -1.381  -4.926  2.304   1.00 0.66 ? 16 DT B C5     1 
ATOM   509 C C7     . DT B 2 5  ? -2.323  -3.925  2.971   1.00 0.70 ? 16 DT B C7     1 
ATOM   510 C C6     . DT B 2 5  ? -1.022  -6.050  2.962   1.00 0.70 ? 16 DT B C6     1 
ATOM   511 H "H5'"  . DT B 2 5  ? -2.914  -10.667 3.542   1.00 1.10 ? 16 DT B "H5'"  1 
ATOM   512 H "H5''" . DT B 2 5  ? -2.475  -10.967 5.232   1.00 1.20 ? 16 DT B "H5''" 1 
ATOM   513 H "H4'"  . DT B 2 5  ? -0.470  -11.022 3.872   1.00 1.02 ? 16 DT B "H4'"  1 
ATOM   514 H "H3'"  . DT B 2 5  ? -0.814  -9.152  6.022   1.00 1.07 ? 16 DT B "H3'"  1 
ATOM   515 H "H2'"  . DT B 2 5  ? -0.272  -7.243  4.945   1.00 0.87 ? 16 DT B "H2'"  1 
ATOM   516 H "H2''" . DT B 2 5  ? 1.389   -7.881  4.854   1.00 0.87 ? 16 DT B "H2''" 1 
ATOM   517 H "H1'"  . DT B 2 5  ? 1.167   -8.575  2.688   1.00 0.78 ? 16 DT B "H1'"  1 
ATOM   518 H H3     . DT B 2 5  ? 0.372   -5.441  -0.426  1.00 0.63 ? 16 DT B H3     1 
ATOM   519 H H71    . DT B 2 5  ? -2.070  -2.917  2.635   1.00 1.18 ? 16 DT B H71    1 
ATOM   520 H H72    . DT B 2 5  ? -2.216  -3.988  4.051   1.00 1.12 ? 16 DT B H72    1 
ATOM   521 H H73    . DT B 2 5  ? -3.348  -4.154  2.688   1.00 1.17 ? 16 DT B H73    1 
ATOM   522 H H6     . DT B 2 5  ? -1.428  -6.240  3.953   1.00 0.75 ? 16 DT B H6     1 
ATOM   523 P P      . DT B 2 6  ? 2.309   -9.579  6.270   1.00 1.04 ? 17 DT B P      1 
ATOM   524 O OP1    . DT B 2 6  ? 3.056   -10.678 6.925   1.00 1.94 ? 17 DT B OP1    1 
ATOM   525 O OP2    . DT B 2 6  ? 1.963   -8.371  7.051   1.00 1.61 ? 17 DT B OP2    1 
ATOM   526 O "O5'"  . DT B 2 6  ? 3.154   -9.112  4.970   1.00 0.88 ? 17 DT B "O5'"  1 
ATOM   527 C "C5'"  . DT B 2 6  ? 3.635   -10.075 4.024   1.00 0.90 ? 17 DT B "C5'"  1 
ATOM   528 C "C4'"  . DT B 2 6  ? 4.696   -9.493  3.078   1.00 0.72 ? 17 DT B "C4'"  1 
ATOM   529 O "O4'"  . DT B 2 6  ? 4.103   -8.509  2.208   1.00 0.72 ? 17 DT B "O4'"  1 
ATOM   530 C "C3'"  . DT B 2 6  ? 5.869   -8.840  3.815   1.00 0.74 ? 17 DT B "C3'"  1 
ATOM   531 O "O3'"  . DT B 2 6  ? 7.101   -9.577  3.534   1.00 0.76 ? 17 DT B "O3'"  1 
ATOM   532 C "C2'"  . DT B 2 6  ? 5.901   -7.396  3.327   1.00 0.68 ? 17 DT B "C2'"  1 
ATOM   533 C "C1'"  . DT B 2 6  ? 4.872   -7.291  2.210   1.00 0.66 ? 17 DT B "C1'"  1 
ATOM   534 N N1     . DT B 2 6  ? 3.965   -6.110  2.333   1.00 0.64 ? 17 DT B N1     1 
ATOM   535 C C2     . DT B 2 6  ? 3.818   -5.307  1.210   1.00 0.61 ? 17 DT B C2     1 
ATOM   536 O O2     . DT B 2 6  ? 4.494   -5.469  0.191   1.00 0.61 ? 17 DT B O2     1 
ATOM   537 N N3     . DT B 2 6  ? 2.881   -4.290  1.286   1.00 0.61 ? 17 DT B N3     1 
ATOM   538 C C4     . DT B 2 6  ? 2.084   -4.006  2.384   1.00 0.64 ? 17 DT B C4     1 
ATOM   539 O O4     . DT B 2 6  ? 1.268   -3.093  2.321   1.00 0.64 ? 17 DT B O4     1 
ATOM   540 C C5     . DT B 2 6  ? 2.298   -4.871  3.517   1.00 0.70 ? 17 DT B C5     1 
ATOM   541 C C7     . DT B 2 6  ? 1.472   -4.656  4.773   1.00 0.78 ? 17 DT B C7     1 
ATOM   542 C C6     . DT B 2 6  ? 3.211   -5.875  3.472   1.00 0.69 ? 17 DT B C6     1 
ATOM   543 H "H5'"  . DT B 2 6  ? 2.787   -10.428 3.431   1.00 1.08 ? 17 DT B "H5'"  1 
ATOM   544 H "H5''" . DT B 2 6  ? 4.056   -10.927 4.566   1.00 1.25 ? 17 DT B "H5''" 1 
ATOM   545 H "H4'"  . DT B 2 6  ? 5.085   -10.298 2.467   1.00 0.70 ? 17 DT B "H4'"  1 
ATOM   546 H "H3'"  . DT B 2 6  ? 5.675   -8.841  4.877   1.00 0.85 ? 17 DT B "H3'"  1 
ATOM   547 H "H2'"  . DT B 2 6  ? 5.637   -6.713  4.148   1.00 0.73 ? 17 DT B "H2'"  1 
ATOM   548 H "H2''" . DT B 2 6  ? 6.888   -7.142  2.951   1.00 0.67 ? 17 DT B "H2''" 1 
ATOM   549 H "H1'"  . DT B 2 6  ? 5.401   -7.230  1.263   1.00 0.65 ? 17 DT B "H1'"  1 
ATOM   550 H H3     . DT B 2 6  ? 2.759   -3.712  0.467   1.00 0.60 ? 17 DT B H3     1 
ATOM   551 H H71    . DT B 2 6  ? 0.405   -4.720  4.526   1.00 1.23 ? 17 DT B H71    1 
ATOM   552 H H72    . DT B 2 6  ? 1.682   -3.663  5.185   1.00 1.28 ? 17 DT B H72    1 
ATOM   553 H H73    . DT B 2 6  ? 1.718   -5.417  5.517   1.00 1.35 ? 17 DT B H73    1 
ATOM   554 H H6     . DT B 2 6  ? 3.372   -6.501  4.339   1.00 0.75 ? 17 DT B H6     1 
ATOM   555 P P      . DG B 2 7  ? 8.521   -8.847  3.212   1.00 1.20 ? 18 DG B P      1 
ATOM   556 O OP1    . DG B 2 7  ? 9.429   -9.869  2.639   1.00 1.89 ? 18 DG B OP1    1 
ATOM   557 O OP2    . DG B 2 7  ? 8.946   -8.026  4.401   1.00 2.31 ? 18 DG B OP2    1 
ATOM   558 O "O5'"  . DG B 2 7  ? 8.135   -7.829  2.018   1.00 0.94 ? 18 DG B "O5'"  1 
ATOM   559 C "C5'"  . DG B 2 7  ? 8.661   -7.968  0.702   1.00 0.93 ? 18 DG B "C5'"  1 
ATOM   560 C "C4'"  . DG B 2 7  ? 9.175   -6.634  0.150   1.00 0.79 ? 18 DG B "C4'"  1 
ATOM   561 O "O4'"  . DG B 2 7  ? 8.108   -5.667  0.084   1.00 0.75 ? 18 DG B "O4'"  1 
ATOM   562 C "C3'"  . DG B 2 7  ? 10.291  -6.041  1.020   1.00 0.72 ? 18 DG B "C3'"  1 
ATOM   563 O "O3'"  . DG B 2 7  ? 11.475  -5.816  0.216   1.00 0.81 ? 18 DG B "O3'"  1 
ATOM   564 C "C2'"  . DG B 2 7  ? 9.710   -4.760  1.573   1.00 0.65 ? 18 DG B "C2'"  1 
ATOM   565 C "C1'"  . DG B 2 7  ? 8.544   -4.427  0.671   1.00 0.67 ? 18 DG B "C1'"  1 
ATOM   566 N N9     . DG B 2 7  ? 7.448   -3.776  1.406   1.00 0.61 ? 18 DG B N9     1 
ATOM   567 C C8     . DG B 2 7  ? 6.990   -3.986  2.667   1.00 0.58 ? 18 DG B C8     1 
ATOM   568 N N7     . DG B 2 7  ? 5.997   -3.268  3.068   1.00 0.56 ? 18 DG B N7     1 
ATOM   569 C C5     . DG B 2 7  ? 5.753   -2.470  1.947   1.00 0.58 ? 18 DG B C5     1 
ATOM   570 C C6     . DG B 2 7  ? 4.779   -1.460  1.741   1.00 0.59 ? 18 DG B C6     1 
ATOM   571 O O6     . DG B 2 7  ? 3.914   -1.064  2.517   1.00 0.60 ? 18 DG B O6     1 
ATOM   572 N N1     . DG B 2 7  ? 4.882   -0.905  0.471   1.00 0.63 ? 18 DG B N1     1 
ATOM   573 C C2     . DG B 2 7  ? 5.802   -1.275  -0.487  1.00 0.66 ? 18 DG B C2     1 
ATOM   574 N N2     . DG B 2 7  ? 5.746   -0.622  -1.646  1.00 0.72 ? 18 DG B N2     1 
ATOM   575 N N3     . DG B 2 7  ? 6.715   -2.225  -0.302  1.00 0.66 ? 18 DG B N3     1 
ATOM   576 C C4     . DG B 2 7  ? 6.638   -2.778  0.926   1.00 0.61 ? 18 DG B C4     1 
ATOM   577 H "H5'"  . DG B 2 7  ? 7.865   -8.335  0.061   1.00 1.05 ? 18 DG B "H5'"  1 
ATOM   578 H "H5''" . DG B 2 7  ? 9.474   -8.693  0.702   1.00 1.01 ? 18 DG B "H5''" 1 
ATOM   579 H "H4'"  . DG B 2 7  ? 9.565   -6.796  -0.852  1.00 0.92 ? 18 DG B "H4'"  1 
ATOM   580 H "H3'"  . DG B 2 7  ? 10.513  -6.722  1.843   1.00 0.76 ? 18 DG B "H3'"  1 
ATOM   581 H "H2'"  . DG B 2 7  ? 9.354   -4.921  2.598   1.00 0.62 ? 18 DG B "H2'"  1 
ATOM   582 H "H2''" . DG B 2 7  ? 10.445  -3.962  1.559   1.00 0.67 ? 18 DG B "H2''" 1 
ATOM   583 H "H1'"  . DG B 2 7  ? 8.885   -3.764  -0.127  1.00 0.73 ? 18 DG B "H1'"  1 
ATOM   584 H H8     . DG B 2 7  ? 7.448   -4.732  3.319   1.00 0.59 ? 18 DG B H8     1 
ATOM   585 H H1     . DG B 2 7  ? 4.230   -0.168  0.257   1.00 0.65 ? 18 DG B H1     1 
ATOM   586 H H21    . DG B 2 7  ? 5.051   0.099   -1.785  1.00 0.73 ? 18 DG B H21    1 
ATOM   587 H H22    . DG B 2 7  ? 6.397   -0.844  -2.384  1.00 0.75 ? 18 DG B H22    1 
ATOM   588 P P      . DT B 2 8  ? 12.466  -4.569  0.418   1.00 0.86 ? 19 DT B P      1 
ATOM   589 O OP1    . DT B 2 8  ? 13.650  -4.812  -0.454  1.00 1.64 ? 19 DT B OP1    1 
ATOM   590 O OP2    . DT B 2 8  ? 12.613  -4.323  1.891   1.00 1.43 ? 19 DT B OP2    1 
ATOM   591 O "O5'"  . DT B 2 8  ? 11.624  -3.326  -0.181  1.00 0.97 ? 19 DT B "O5'"  1 
ATOM   592 C "C5'"  . DT B 2 8  ? 11.305  -3.187  -1.587  1.00 0.99 ? 19 DT B "C5'"  1 
ATOM   593 C "C4'"  . DT B 2 8  ? 10.969  -1.734  -1.969  1.00 0.97 ? 19 DT B "C4'"  1 
ATOM   594 O "O4'"  . DT B 2 8  ? 9.669   -1.356  -1.454  1.00 0.92 ? 19 DT B "O4'"  1 
ATOM   595 C "C3'"  . DT B 2 8  ? 12.003  -0.749  -1.395  1.00 0.97 ? 19 DT B "C3'"  1 
ATOM   596 O "O3'"  . DT B 2 8  ? 12.823  -0.135  -2.412  1.00 1.10 ? 19 DT B "O3'"  1 
ATOM   597 C "C2'"  . DT B 2 8  ? 11.208  0.307   -0.677  1.00 0.85 ? 19 DT B "C2'"  1 
ATOM   598 C "C1'"  . DT B 2 8  ? 9.736   -0.062  -0.816  1.00 0.83 ? 19 DT B "C1'"  1 
ATOM   599 N N1     . DT B 2 8  ? 9.066   -0.077  0.505   1.00 0.70 ? 19 DT B N1     1 
ATOM   600 C C2     . DT B 2 8  ? 7.967   0.744   0.682   1.00 0.66 ? 19 DT B C2     1 
ATOM   601 O O2     . DT B 2 8  ? 7.528   1.464   -0.220  1.00 0.73 ? 19 DT B O2     1 
ATOM   602 N N3     . DT B 2 8  ? 7.370   0.717   1.930   1.00 0.58 ? 19 DT B N3     1 
ATOM   603 C C4     . DT B 2 8  ? 7.782   -0.058  3.006   1.00 0.53 ? 19 DT B C4     1 
ATOM   604 O O4     . DT B 2 8  ? 7.173   0.000   4.069   1.00 0.51 ? 19 DT B O4     1 
ATOM   605 C C5     . DT B 2 8  ? 8.936   -0.879  2.738   1.00 0.57 ? 19 DT B C5     1 
ATOM   606 C C7     . DT B 2 8  ? 9.505   -1.750  3.842   1.00 0.57 ? 19 DT B C7     1 
ATOM   607 C C6     . DT B 2 8  ? 9.531   -0.874  1.528   1.00 0.65 ? 19 DT B C6     1 
ATOM   608 H "H5'"  . DT B 2 8  ? 10.450  -3.816  -1.813  1.00 1.10 ? 19 DT B "H5'"  1 
ATOM   609 H "H5''" . DT B 2 8  ? 12.156  -3.516  -2.187  1.00 1.26 ? 19 DT B "H5''" 1 
ATOM   610 H "H4'"  . DT B 2 8  ? 10.951  -1.651  -3.059  1.00 1.06 ? 19 DT B "H4'"  1 
ATOM   611 H "H3'"  . DT B 2 8  ? 12.636  -1.278  -0.679  1.00 0.98 ? 19 DT B "H3'"  1 
ATOM   612 H "H2'"  . DT B 2 8  ? 11.493  0.328   0.374   1.00 0.79 ? 19 DT B "H2'"  1 
ATOM   613 H "H2''" . DT B 2 8  ? 11.397  1.280   -1.132  1.00 0.88 ? 19 DT B "H2''" 1 
ATOM   614 H "H1'"  . DT B 2 8  ? 9.248   0.677   -1.456  1.00 0.88 ? 19 DT B "H1'"  1 
ATOM   615 H H3     . DT B 2 8  ? 6.573   1.316   2.076   1.00 0.58 ? 19 DT B H3     1 
ATOM   616 H H71    . DT B 2 8  ? 10.584  -1.587  3.915   1.00 1.16 ? 19 DT B H71    1 
ATOM   617 H H72    . DT B 2 8  ? 9.310   -2.802  3.621   1.00 1.08 ? 19 DT B H72    1 
ATOM   618 H H73    . DT B 2 8  ? 9.034   -1.488  4.795   1.00 1.19 ? 19 DT B H73    1 
ATOM   619 H H6     . DT B 2 8  ? 10.388  -1.510  1.345   1.00 0.70 ? 19 DT B H6     1 
ATOM   620 P P      . DC B 2 9  ? 12.214  0.614   -3.717  1.00 1.56 ? 20 DC B P      1 
ATOM   621 O OP1    . DC B 2 9  ? 11.294  -0.333  -4.407  1.00 2.67 ? 20 DC B OP1    1 
ATOM   622 O OP2    . DC B 2 9  ? 13.352  1.209   -4.473  1.00 1.87 ? 20 DC B OP2    1 
ATOM   623 O "O5'"  . DC B 2 9  ? 11.313  1.858   -3.106  1.00 1.37 ? 20 DC B "O5'"  1 
ATOM   624 C "C5'"  . DC B 2 9  ? 10.268  2.470   -3.900  1.00 1.41 ? 20 DC B "C5'"  1 
ATOM   625 C "C4'"  . DC B 2 9  ? 9.813   3.865   -3.381  1.00 1.17 ? 20 DC B "C4'"  1 
ATOM   626 O "O4'"  . DC B 2 9  ? 9.209   3.815   -2.087  1.00 0.99 ? 20 DC B "O4'"  1 
ATOM   627 C "C3'"  . DC B 2 9  ? 10.944  4.828   -3.318  1.00 1.11 ? 20 DC B "C3'"  1 
ATOM   628 O "O3'"  . DC B 2 9  ? 10.652  6.020   -4.125  1.00 1.11 ? 20 DC B "O3'"  1 
ATOM   629 C "C2'"  . DC B 2 9  ? 11.128  5.233   -1.896  1.00 0.90 ? 20 DC B "C2'"  1 
ATOM   630 C "C1'"  . DC B 2 9  ? 9.839   4.813   -1.228  1.00 0.81 ? 20 DC B "C1'"  1 
ATOM   631 N N1     . DC B 2 9  ? 10.023  4.285   0.133   1.00 0.70 ? 20 DC B N1     1 
ATOM   632 C C2     . DC B 2 9  ? 9.117   4.706   1.089   1.00 0.63 ? 20 DC B C2     1 
ATOM   633 O O2     . DC B 2 9  ? 8.255   5.525   0.800   1.00 0.65 ? 20 DC B O2     1 
ATOM   634 N N3     . DC B 2 9  ? 9.210   4.183   2.344   1.00 0.60 ? 20 DC B N3     1 
ATOM   635 C C4     . DC B 2 9  ? 10.151  3.285   2.654   1.00 0.61 ? 20 DC B C4     1 
ATOM   636 N N4     . DC B 2 9  ? 10.207  2.801   3.901   1.00 0.61 ? 20 DC B N4     1 
ATOM   637 C C5     . DC B 2 9  ? 11.097  2.844   1.674   1.00 0.68 ? 20 DC B C5     1 
ATOM   638 C C6     . DC B 2 9  ? 11.003  3.367   0.429   1.00 0.73 ? 20 DC B C6     1 
ATOM   639 H "H5'"  . DC B 2 9  ? 9.397   1.812   -3.900  1.00 1.49 ? 20 DC B "H5'"  1 
ATOM   640 H "H5''" . DC B 2 9  ? 10.622  2.567   -4.944  1.00 1.60 ? 20 DC B "H5''" 1 
ATOM   641 H "H4'"  . DC B 2 9  ? 9.102   4.278   -4.095  1.00 1.26 ? 20 DC B "H4'"  1 
ATOM   642 H "H3'"  . DC B 2 9  ? 11.819  4.307   -3.641  1.00 1.26 ? 20 DC B "H3'"  1 
ATOM   643 H "H2'"  . DC B 2 9  ? 11.968  4.723   -1.476  1.00 0.91 ? 20 DC B "H2'"  1 
ATOM   644 H "H2''" . DC B 2 9  ? 11.268  6.332   -1.846  1.00 0.86 ? 20 DC B "H2''" 1 
ATOM   645 H "H1'"  . DC B 2 9  ? 9.195   5.701   -1.189  1.00 0.75 ? 20 DC B "H1'"  1 
ATOM   646 H H41    . DC B 2 9  ? 9.538   3.106   4.597   1.00 0.63 ? 20 DC B H41    1 
ATOM   647 H H42    . DC B 2 9  ? 10.923  2.134   4.154   1.00 0.63 ? 20 DC B H42    1 
ATOM   648 H H5     . DC B 2 9  ? 11.854  2.103   1.920   1.00 0.72 ? 20 DC B H5     1 
ATOM   649 H H6     . DC B 2 9  ? 11.711  3.051   -0.339  1.00 0.84 ? 20 DC B H6     1 
ATOM   650 P P      . DC B 2 10 ? 11.789  7.119   -4.293  1.00 1.11 ? 21 DC B P      1 
ATOM   651 O OP1    . DC B 2 10 ? 12.623  7.868   -3.379  1.00 2.24 ? 21 DC B OP1    1 
ATOM   652 O OP2    . DC B 2 10 ? 12.704  6.004   -4.376  1.00 1.12 ? 21 DC B OP2    1 
ATOM   653 O "O5'"  . DC B 2 10 ? 10.889  7.552   -3.114  1.00 0.86 ? 21 DC B "O5'"  1 
ATOM   654 C "C5'"  . DC B 2 10 ? 9.824   8.446   -3.333  1.00 0.79 ? 21 DC B "C5'"  1 
ATOM   655 C "C4'"  . DC B 2 10 ? 9.392   9.185   -2.056  1.00 0.67 ? 21 DC B "C4'"  1 
ATOM   656 O "O4'"  . DC B 2 10 ? 9.369   8.292   -0.968  1.00 0.59 ? 21 DC B "O4'"  1 
ATOM   657 C "C3'"  . DC B 2 10 ? 10.355  10.318  -1.723  1.00 0.70 ? 21 DC B "C3'"  1 
ATOM   658 O "O3'"  . DC B 2 10 ? 9.665   11.627  -1.794  1.00 0.76 ? 21 DC B "O3'"  1 
ATOM   659 C "C2'"  . DC B 2 10 ? 10.831  10.010  -0.322  1.00 0.67 ? 21 DC B "C2'"  1 
ATOM   660 C "C1'"  . DC B 2 10 ? 9.884   8.952   0.191   1.00 0.58 ? 21 DC B "C1'"  1 
ATOM   661 N N1     . DC B 2 10 ? 10.569  8.038   1.138   1.00 0.57 ? 21 DC B N1     1 
ATOM   662 C C2     . DC B 2 10 ? 10.025  7.850   2.413   1.00 0.55 ? 21 DC B C2     1 
ATOM   663 O O2     . DC B 2 10 ? 9.034   8.478   2.773   1.00 0.55 ? 21 DC B O2     1 
ATOM   664 N N3     . DC B 2 10 ? 10.656  6.979   3.250   1.00 0.58 ? 21 DC B N3     1 
ATOM   665 C C4     . DC B 2 10 ? 11.760  6.333   2.861   1.00 0.65 ? 21 DC B C4     1 
ATOM   666 N N4     . DC B 2 10 ? 12.350  5.482   3.698   1.00 0.72 ? 21 DC B N4     1 
ATOM   667 C C5     . DC B 2 10 ? 12.315  6.540   1.563   1.00 0.69 ? 21 DC B C5     1 
ATOM   668 C C6     . DC B 2 10 ? 11.692  7.396   0.749   1.00 0.64 ? 21 DC B C6     1 
ATOM   669 H "H5'"  . DC B 2 10 ? 9.005   7.854   -3.685  1.00 0.83 ? 21 DC B "H5'"  1 
ATOM   670 H "H5''" . DC B 2 10 ? 10.125  9.180   -4.094  1.00 0.85 ? 21 DC B "H5''" 1 
ATOM   671 H "H4'"  . DC B 2 10 ? 8.403   9.616   -2.238  1.00 0.71 ? 21 DC B "H4'"  1 
ATOM   672 H "H3'"  . DC B 2 10 ? 11.223  10.301  -2.402  1.00 0.77 ? 21 DC B "H3'"  1 
ATOM   673 H "H2'"  . DC B 2 10 ? 11.865  9.632   -0.318  1.00 0.74 ? 21 DC B "H2'"  1 
ATOM   674 H "H2''" . DC B 2 10 ? 10.761  10.887  0.315   1.00 0.70 ? 21 DC B "H2''" 1 
ATOM   675 H "H1'"  . DC B 2 10 ? 9.069   9.443   0.709   1.00 0.59 ? 21 DC B "H1'"  1 
ATOM   676 H H41    . DC B 2 10 ? 11.959  5.328   4.616   1.00 0.71 ? 21 DC B H41    1 
ATOM   677 H H42    . DC B 2 10 ? 13.195  5.005   3.421   1.00 0.80 ? 21 DC B H42    1 
ATOM   678 H H5     . DC B 2 10 ? 13.199  6.001   1.234   1.00 0.78 ? 21 DC B H5     1 
ATOM   679 H H6     . DC B 2 10 ? 12.110  7.605   -0.233  1.00 0.70 ? 21 DC B H6     1 
ATOM   680 P P      . DG B 2 11 ? 10.504  12.980  -2.075  1.00 0.89 ? 22 DG B P      1 
ATOM   681 O OP1    . DG B 2 11 ? 11.027  14.159  -1.327  1.00 1.62 ? 22 DG B OP1    1 
ATOM   682 O OP2    . DG B 2 11 ? 11.670  12.246  -2.593  1.00 1.50 ? 22 DG B OP2    1 
ATOM   683 O "O5'"  . DG B 2 11 ? 10.014  12.835  -0.499  1.00 1.12 ? 22 DG B "O5'"  1 
ATOM   684 C "C5'"  . DG B 2 11 ? 8.868   13.650  -0.020  1.00 1.37 ? 22 DG B "C5'"  1 
ATOM   685 C "C4'"  . DG B 2 11 ? 9.034   14.233  1.408   1.00 1.33 ? 22 DG B "C4'"  1 
ATOM   686 O "O4'"  . DG B 2 11 ? 9.101   13.181  2.387   1.00 1.16 ? 22 DG B "O4'"  1 
ATOM   687 C "C3'"  . DG B 2 11 ? 10.282  15.086  1.524   1.00 1.48 ? 22 DG B "C3'"  1 
ATOM   688 O "O3'"  . DG B 2 11 ? 9.950   16.475  1.694   1.00 1.70 ? 22 DG B "O3'"  1 
ATOM   689 C "C2'"  . DG B 2 11 ? 11.037  14.548  2.721   1.00 1.37 ? 22 DG B "C2'"  1 
ATOM   690 C "C1'"  . DG B 2 11 ? 10.185  13.420  3.307   1.00 1.16 ? 22 DG B "C1'"  1 
ATOM   691 N N9     . DG B 2 11 ? 10.963  12.178  3.492   1.00 1.03 ? 22 DG B N9     1 
ATOM   692 C C8     . DG B 2 11 ? 11.810  11.559  2.632   1.00 1.00 ? 22 DG B C8     1 
ATOM   693 N N7     . DG B 2 11 ? 12.310  10.425  2.993   1.00 0.96 ? 22 DG B N7     1 
ATOM   694 C C5     . DG B 2 11 ? 11.738  10.248  4.254   1.00 0.94 ? 22 DG B C5     1 
ATOM   695 C C6     . DG B 2 11 ? 11.895  9.180   5.174   1.00 0.95 ? 22 DG B C6     1 
ATOM   696 O O6     . DG B 2 11 ? 12.570  8.162   5.051   1.00 0.98 ? 22 DG B O6     1 
ATOM   697 N N1     . DG B 2 11 ? 11.155  9.382   6.327   1.00 0.99 ? 22 DG B N1     1 
ATOM   698 C C2     . DG B 2 11 ? 10.347  10.476  6.574   1.00 1.03 ? 22 DG B C2     1 
ATOM   699 N N2     . DG B 2 11 ? 9.715   10.479  7.750   1.00 1.11 ? 22 DG B N2     1 
ATOM   700 N N3     . DG B 2 11 ? 10.190  11.493  5.713   1.00 1.05 ? 22 DG B N3     1 
ATOM   701 C C4     . DG B 2 11 ? 10.913  11.314  4.574   1.00 0.99 ? 22 DG B C4     1 
ATOM   702 H "H5'"  . DG B 2 11 ? 7.961   13.043  -0.027  1.00 1.74 ? 22 DG B "H5'"  1 
ATOM   703 H "H5''" . DG B 2 11 ? 8.733   14.483  -0.711  1.00 1.93 ? 22 DG B "H5''" 1 
ATOM   704 H "H4'"  . DG B 2 11 ? 8.165   14.862  1.637   1.00 1.46 ? 22 DG B "H4'"  1 
ATOM   705 H "H3'"  . DG B 2 11 ? 10.882  14.957  0.629   1.00 1.57 ? 22 DG B "H3'"  1 
ATOM   706 H "HO3'" . DG B 2 11 ? 9.044   16.509  2.037   1.00 2.18 ? 22 DG B "HO3'" 1 
ATOM   707 H "H2'"  . DG B 2 11 ? 11.998  14.159  2.402   1.00 1.34 ? 22 DG B "H2'"  1 
ATOM   708 H "H2''" . DG B 2 11 ? 11.173  15.335  3.463   1.00 1.52 ? 22 DG B "H2''" 1 
ATOM   709 H "H1'"  . DG B 2 11 ? 9.776   13.737  4.266   1.00 1.21 ? 22 DG B "H1'"  1 
ATOM   710 H H8     . DG B 2 11 ? 12.062  12.002  1.670   1.00 1.05 ? 22 DG B H8     1 
ATOM   711 H H1     . DG B 2 11 ? 11.230  8.664   7.030   1.00 1.02 ? 22 DG B H1     1 
ATOM   712 H H21    . DG B 2 11 ? 9.844   9.712   8.396   1.00 1.13 ? 22 DG B H21    1 
ATOM   713 H H22    . DG B 2 11 ? 9.107   11.248  7.995   1.00 1.19 ? 22 DG B H22    1 
# 
